data_9DN4
#
_entry.id   9DN4
#
_cell.length_a   64.726
_cell.length_b   68.025
_cell.length_c   118.615
_cell.angle_alpha   90.00
_cell.angle_beta   100.16
_cell.angle_gamma   90.00
#
_symmetry.space_group_name_H-M   'P 1 21 1'
#
loop_
_entity.id
_entity.type
_entity.pdbx_description
1 polymer 'FAB BL3-6S97N HEAVY CHAIN'
2 polymer 'FAB BL3-6S97N LIGHT CHAIN'
3 polymer "RNA (5'-R(P*CP*UP*CP*GP*UP*CP*UP*GP*AP*AP*AP*CP*AP*CP*GP*GP*AP*GP*AP*G)-3')"
4 non-polymer GLYCEROL
5 non-polymer 'CHLORIDE ION'
6 non-polymer 'SULFATE ION'
7 water water
#
loop_
_entity_poly.entity_id
_entity_poly.type
_entity_poly.pdbx_seq_one_letter_code
_entity_poly.pdbx_strand_id
1 'polypeptide(L)'
;MGWSCIILFLVATATGVHSEVQLVESGGGLVQPGGSLRLSCAASGFYISYSSIHWVRQAPGKGLEWVASISPYSGSTYYA
DSVKGRFTISADTSKNTAYLQMNSLRAEDTAVYYCARQGYRRRSGRGFDYWGQGTLVTVSSASTKGPSVFPLAPSSKSTS
GGTAALGCLVKDYFPEPVTVSWNSGALTSGVHTFPAVLQSSGLYSLSSVVTVPSSSLGTQTYICNVNHKPSNTKVDKKVE
PKSCHHHHHH
;
A,D
2 'polypeptide(L)'
;MGWSCIILFLVATATGVHSDIQMTQSPSSLSASVGDRVTITCRASQSVSSAVAWYQQKPGKAPKLLIYSASSLYSGVPSR
FSGSRSGTDFTLTISSLQPEDFATYYCQQSYSFPNTFGQGTKVEIKRTVAAPSVFIFPPSDEQLKSGTASVVCLLNNFYP
REAKVQWKVDNALQSGNSQESVTEQDSKDSTYSLSSTLTLSKADYEKHKVYACEVTHQGLSSPVTKSFNRGEC
;
B,C
3 'polyribonucleotide' CUCGUCUGAAACACGGAGAG E,F
#
# COMPACT_ATOMS: atom_id res chain seq x y z
N GLU A 20 -15.98 -33.43 26.28
CA GLU A 20 -15.01 -33.38 25.20
C GLU A 20 -13.76 -34.20 25.55
N VAL A 21 -13.11 -34.76 24.54
CA VAL A 21 -11.78 -35.31 24.72
C VAL A 21 -10.81 -34.21 25.11
N GLN A 22 -9.96 -34.50 26.08
CA GLN A 22 -8.93 -33.56 26.52
C GLN A 22 -7.69 -34.35 26.90
N LEU A 23 -6.53 -33.81 26.56
CA LEU A 23 -5.24 -34.32 27.00
C LEU A 23 -4.49 -33.15 27.64
N VAL A 24 -4.10 -33.31 28.90
CA VAL A 24 -3.45 -32.24 29.65
C VAL A 24 -2.07 -32.71 30.09
N GLU A 25 -1.03 -32.14 29.48
CA GLU A 25 0.33 -32.46 29.89
C GLU A 25 0.72 -31.66 31.12
N SER A 26 1.63 -32.23 31.89
CA SER A 26 2.21 -31.55 33.04
C SER A 26 3.56 -32.20 33.33
N GLY A 27 4.33 -31.55 34.20
CA GLY A 27 5.62 -32.05 34.62
C GLY A 27 6.79 -31.40 33.92
N GLY A 28 6.56 -30.43 33.06
CA GLY A 28 7.64 -29.81 32.33
C GLY A 28 8.30 -28.74 33.18
N GLY A 29 9.34 -28.16 32.62
CA GLY A 29 10.02 -27.06 33.30
C GLY A 29 11.50 -27.12 33.01
N LEU A 30 12.24 -26.44 33.86
CA LEU A 30 13.69 -26.38 33.78
C LEU A 30 14.29 -27.58 34.49
N VAL A 31 15.33 -28.15 33.89
CA VAL A 31 16.01 -29.31 34.42
C VAL A 31 17.50 -29.19 34.13
N GLN A 32 18.29 -29.61 35.09
CA GLN A 32 19.73 -29.67 34.95
C GLN A 32 20.13 -30.68 33.87
N PRO A 33 21.15 -30.40 33.07
CA PRO A 33 21.64 -31.43 32.15
C PRO A 33 22.04 -32.68 32.92
N GLY A 34 21.65 -33.83 32.38
CA GLY A 34 21.86 -35.11 33.05
C GLY A 34 20.73 -35.50 34.00
N GLY A 35 19.81 -34.58 34.30
CA GLY A 35 18.73 -34.87 35.20
C GLY A 35 17.58 -35.62 34.54
N SER A 36 16.59 -35.96 35.36
CA SER A 36 15.42 -36.68 34.92
C SER A 36 14.18 -35.81 35.09
N LEU A 37 13.20 -36.04 34.23
CA LEU A 37 11.87 -35.49 34.36
C LEU A 37 10.88 -36.56 33.97
N ARG A 38 9.69 -36.51 34.57
CA ARG A 38 8.57 -37.35 34.15
C ARG A 38 7.44 -36.43 33.72
N LEU A 39 7.02 -36.56 32.47
CA LEU A 39 5.86 -35.85 31.95
C LEU A 39 4.63 -36.72 32.14
N SER A 40 3.53 -36.10 32.48
CA SER A 40 2.25 -36.77 32.59
C SER A 40 1.32 -36.26 31.52
N CYS A 41 0.49 -37.16 31.00
CA CYS A 41 -0.55 -36.82 30.03
C CYS A 41 -1.86 -37.38 30.59
N ALA A 42 -2.65 -36.52 31.21
CA ALA A 42 -3.91 -36.92 31.82
C ALA A 42 -5.04 -36.81 30.80
N ALA A 43 -5.67 -37.93 30.50
CA ALA A 43 -6.75 -37.98 29.54
C ALA A 43 -8.09 -37.83 30.22
N SER A 44 -9.04 -37.20 29.52
CA SER A 44 -10.42 -37.21 29.93
C SER A 44 -11.27 -37.26 28.67
N GLY A 45 -12.50 -37.73 28.84
CA GLY A 45 -13.39 -37.93 27.70
C GLY A 45 -13.21 -39.22 26.95
N PHE A 46 -12.18 -40.00 27.27
CA PHE A 46 -11.97 -41.31 26.68
C PHE A 46 -11.02 -42.08 27.59
N TYR A 47 -10.97 -43.40 27.41
CA TYR A 47 -10.07 -44.25 28.19
C TYR A 47 -8.85 -44.58 27.36
N ILE A 48 -7.66 -44.36 27.93
CA ILE A 48 -6.45 -44.59 27.16
C ILE A 48 -6.20 -46.07 26.88
N SER A 49 -6.83 -46.98 27.61
CA SER A 49 -6.55 -48.41 27.38
CA SER A 49 -6.52 -48.40 27.37
C SER A 49 -6.91 -48.83 25.96
N TYR A 50 -7.79 -48.10 25.29
CA TYR A 50 -8.31 -48.52 23.99
C TYR A 50 -7.70 -47.75 22.82
N SER A 51 -6.70 -46.91 23.07
CA SER A 51 -6.06 -46.09 22.06
C SER A 51 -4.54 -46.27 22.13
N SER A 52 -3.89 -45.93 21.03
CA SER A 52 -2.46 -45.69 21.03
C SER A 52 -2.20 -44.24 21.48
N ILE A 53 -1.18 -44.06 22.33
CA ILE A 53 -0.81 -42.74 22.82
C ILE A 53 0.62 -42.45 22.36
N HIS A 54 0.85 -41.24 21.87
CA HIS A 54 2.12 -40.83 21.29
C HIS A 54 2.65 -39.61 22.03
N TRP A 55 3.97 -39.47 22.08
CA TRP A 55 4.62 -38.24 22.47
C TRP A 55 5.34 -37.68 21.25
N VAL A 56 5.19 -36.38 21.03
CA VAL A 56 5.76 -35.67 19.91
C VAL A 56 6.35 -34.38 20.48
N ARG A 57 7.55 -33.99 20.05
CA ARG A 57 8.17 -32.79 20.58
C ARG A 57 8.55 -31.80 19.49
N GLN A 58 8.78 -30.57 19.91
CA GLN A 58 9.01 -29.46 18.98
C GLN A 58 9.99 -28.50 19.64
N ALA A 59 11.24 -28.56 19.21
CA ALA A 59 12.23 -27.62 19.68
C ALA A 59 11.84 -26.19 19.29
N PRO A 60 12.26 -25.17 20.06
CA PRO A 60 11.88 -23.80 19.71
C PRO A 60 12.26 -23.45 18.28
N GLY A 61 11.28 -23.04 17.48
CA GLY A 61 11.49 -22.62 16.12
C GLY A 61 11.59 -23.72 15.09
N LYS A 62 11.46 -24.98 15.47
CA LYS A 62 11.76 -26.10 14.60
C LYS A 62 10.49 -26.93 14.36
N GLY A 63 10.67 -28.07 13.68
CA GLY A 63 9.56 -28.92 13.29
C GLY A 63 9.16 -29.93 14.36
N LEU A 64 8.10 -30.67 14.05
CA LEU A 64 7.64 -31.73 14.92
C LEU A 64 8.55 -32.93 14.79
N GLU A 65 8.80 -33.59 15.93
CA GLU A 65 9.63 -34.78 15.99
C GLU A 65 8.90 -35.83 16.82
N TRP A 66 8.56 -36.95 16.20
CA TRP A 66 7.96 -38.07 16.92
C TRP A 66 8.96 -38.66 17.91
N VAL A 67 8.50 -38.97 19.10
CA VAL A 67 9.35 -39.38 20.22
C VAL A 67 9.12 -40.85 20.61
N ALA A 68 7.88 -41.24 20.86
CA ALA A 68 7.59 -42.52 21.45
C ALA A 68 6.09 -42.80 21.38
N SER A 69 5.73 -44.08 21.54
CA SER A 69 4.32 -44.43 21.54
C SER A 69 4.12 -45.76 22.27
N ILE A 70 2.89 -45.94 22.76
CA ILE A 70 2.49 -47.16 23.45
C ILE A 70 1.17 -47.63 22.84
N SER A 71 1.08 -48.97 22.56
CA SER A 71 -0.05 -49.56 21.86
C SER A 71 -1.04 -50.16 22.85
N PRO A 72 -2.33 -50.13 22.50
CA PRO A 72 -3.34 -50.75 23.38
C PRO A 72 -3.24 -52.27 23.37
N TYR A 73 -3.82 -52.87 24.40
CA TYR A 73 -3.96 -54.33 24.57
C TYR A 73 -2.62 -55.01 24.81
N SER A 74 -1.62 -54.74 24.00
CA SER A 74 -0.29 -55.30 24.21
C SER A 74 0.56 -54.47 25.16
N GLY A 75 0.37 -53.15 25.21
CA GLY A 75 1.34 -52.31 25.89
C GLY A 75 2.69 -52.24 25.20
N SER A 76 2.78 -52.66 23.94
CA SER A 76 4.02 -52.50 23.19
C SER A 76 4.42 -51.03 23.13
N THR A 77 5.73 -50.78 23.19
CA THR A 77 6.28 -49.44 23.15
C THR A 77 7.30 -49.31 22.03
N TYR A 78 7.39 -48.09 21.49
CA TYR A 78 8.27 -47.78 20.36
C TYR A 78 8.89 -46.41 20.62
N TYR A 79 10.10 -46.23 20.12
CA TYR A 79 10.89 -45.05 20.43
C TYR A 79 11.65 -44.56 19.22
N ALA A 80 11.82 -43.25 19.14
CA ALA A 80 12.76 -42.70 18.17
C ALA A 80 14.19 -42.98 18.59
N ASP A 81 15.07 -43.11 17.60
CA ASP A 81 16.49 -43.34 17.89
C ASP A 81 17.09 -42.25 18.78
N SER A 82 16.57 -41.01 18.67
CA SER A 82 17.15 -39.90 19.39
C SER A 82 16.95 -39.99 20.91
N VAL A 83 16.02 -40.84 21.37
CA VAL A 83 15.72 -40.96 22.80
C VAL A 83 15.82 -42.39 23.28
N LYS A 84 16.14 -43.32 22.41
CA LYS A 84 16.17 -44.73 22.79
C LYS A 84 17.19 -44.95 23.91
N GLY A 85 16.80 -45.78 24.89
CA GLY A 85 17.67 -46.09 26.01
C GLY A 85 17.69 -45.05 27.09
N ARG A 86 17.00 -43.92 26.89
CA ARG A 86 16.93 -42.84 27.86
C ARG A 86 15.51 -42.48 28.26
N PHE A 87 14.53 -42.66 27.38
CA PHE A 87 13.14 -42.33 27.65
C PHE A 87 12.34 -43.62 27.77
N THR A 88 11.27 -43.57 28.57
CA THR A 88 10.39 -44.72 28.74
C THR A 88 8.95 -44.19 28.74
N ILE A 89 8.13 -44.71 27.86
CA ILE A 89 6.71 -44.38 27.83
C ILE A 89 5.96 -45.48 28.57
N SER A 90 4.90 -45.08 29.28
CA SER A 90 4.11 -46.01 30.03
C SER A 90 2.70 -45.45 30.18
N ALA A 91 1.78 -46.31 30.63
CA ALA A 91 0.42 -45.90 30.88
C ALA A 91 -0.08 -46.52 32.17
N ASP A 92 -0.84 -45.74 32.91
CA ASP A 92 -1.55 -46.19 34.10
C ASP A 92 -3.03 -46.10 33.75
N THR A 93 -3.62 -47.23 33.36
CA THR A 93 -5.00 -47.20 32.90
C THR A 93 -5.97 -46.88 34.02
N SER A 94 -5.62 -47.25 35.26
CA SER A 94 -6.48 -46.89 36.38
C SER A 94 -6.58 -45.38 36.51
N LYS A 95 -5.46 -44.68 36.37
CA LYS A 95 -5.43 -43.23 36.46
C LYS A 95 -5.72 -42.55 35.13
N ASN A 96 -5.91 -43.34 34.07
CA ASN A 96 -6.16 -42.79 32.73
C ASN A 96 -5.12 -41.73 32.39
N THR A 97 -3.86 -42.09 32.58
CA THR A 97 -2.76 -41.16 32.44
C THR A 97 -1.61 -41.89 31.78
N ALA A 98 -0.96 -41.22 30.82
CA ALA A 98 0.23 -41.71 30.16
C ALA A 98 1.42 -40.87 30.59
N TYR A 99 2.62 -41.45 30.46
CA TYR A 99 3.82 -40.84 31.04
C TYR A 99 4.98 -40.95 30.08
N LEU A 100 5.90 -40.01 30.19
CA LEU A 100 7.18 -40.08 29.51
C LEU A 100 8.26 -39.80 30.55
N GLN A 101 8.93 -40.85 30.97
CA GLN A 101 10.09 -40.76 31.83
C GLN A 101 11.30 -40.42 30.98
N MET A 102 12.01 -39.36 31.34
CA MET A 102 13.15 -38.90 30.56
C MET A 102 14.37 -38.86 31.49
N ASN A 103 15.37 -39.64 31.17
CA ASN A 103 16.62 -39.68 31.92
C ASN A 103 17.78 -39.14 31.08
N SER A 104 18.83 -38.72 31.77
CA SER A 104 20.04 -38.20 31.12
C SER A 104 19.69 -37.15 30.06
N LEU A 105 18.83 -36.22 30.44
CA LEU A 105 18.42 -35.15 29.56
C LEU A 105 19.60 -34.30 29.11
N ARG A 106 19.56 -33.86 27.86
CA ARG A 106 20.58 -33.01 27.27
C ARG A 106 19.94 -31.78 26.62
N ALA A 107 20.78 -30.82 26.25
CA ALA A 107 20.27 -29.60 25.63
C ALA A 107 19.45 -29.88 24.39
N GLU A 108 19.79 -30.93 23.65
CA GLU A 108 19.05 -31.31 22.45
C GLU A 108 17.61 -31.74 22.75
N ASP A 109 17.28 -31.99 24.00
CA ASP A 109 15.96 -32.43 24.39
C ASP A 109 15.04 -31.27 24.74
N THR A 110 15.56 -30.05 24.78
CA THR A 110 14.72 -28.89 25.05
C THR A 110 13.68 -28.75 23.94
N ALA A 111 12.42 -28.68 24.33
CA ALA A 111 11.34 -28.67 23.37
C ALA A 111 10.02 -28.56 24.13
N VAL A 112 8.98 -28.15 23.40
CA VAL A 112 7.61 -28.35 23.84
C VAL A 112 7.23 -29.79 23.54
N TYR A 113 6.78 -30.49 24.56
CA TYR A 113 6.43 -31.90 24.45
C TYR A 113 4.92 -32.01 24.40
N TYR A 114 4.41 -32.65 23.35
CA TYR A 114 2.98 -32.87 23.21
C TYR A 114 2.68 -34.35 23.40
N CYS A 115 1.56 -34.62 24.03
CA CYS A 115 0.93 -35.93 24.04
CA CYS A 115 0.98 -35.95 23.98
C CYS A 115 -0.24 -35.91 23.07
N ALA A 116 -0.42 -36.98 22.31
CA ALA A 116 -1.42 -37.00 21.26
C ALA A 116 -2.08 -38.37 21.23
N ARG A 117 -3.39 -38.39 21.02
CA ARG A 117 -4.11 -39.64 20.89
C ARG A 117 -4.17 -40.03 19.41
N GLN A 118 -3.77 -41.26 19.11
CA GLN A 118 -4.10 -41.85 17.83
C GLN A 118 -5.56 -42.26 17.88
N GLY A 119 -6.37 -41.68 17.01
CA GLY A 119 -7.80 -41.89 17.10
C GLY A 119 -8.20 -43.30 16.71
N TYR A 120 -9.52 -43.47 16.61
CA TYR A 120 -10.13 -44.77 16.31
C TYR A 120 -10.04 -45.05 14.83
N ARG A 121 -9.62 -46.28 14.49
CA ARG A 121 -9.27 -46.62 13.12
C ARG A 121 -10.44 -46.37 12.16
N ARG A 122 -11.66 -46.71 12.57
CA ARG A 122 -12.81 -46.54 11.71
C ARG A 122 -13.09 -45.07 11.39
N ARG A 123 -12.79 -44.18 12.31
CA ARG A 123 -13.17 -42.78 12.18
C ARG A 123 -12.09 -41.95 11.53
N SER A 124 -10.81 -42.17 11.92
CA SER A 124 -9.73 -41.33 11.43
C SER A 124 -8.45 -42.10 11.14
N GLY A 125 -8.55 -43.39 10.87
CA GLY A 125 -7.37 -44.16 10.51
C GLY A 125 -6.37 -44.16 11.65
N ARG A 126 -5.11 -43.93 11.30
CA ARG A 126 -4.05 -43.77 12.27
C ARG A 126 -3.69 -42.31 12.56
N GLY A 127 -4.47 -41.35 12.06
CA GLY A 127 -4.18 -39.95 12.36
C GLY A 127 -4.29 -39.67 13.84
N PHE A 128 -3.51 -38.68 14.31
CA PHE A 128 -3.51 -38.26 15.70
C PHE A 128 -4.57 -37.18 15.84
N ASP A 129 -5.74 -37.53 16.38
CA ASP A 129 -6.90 -36.68 16.27
C ASP A 129 -7.08 -35.71 17.41
N TYR A 130 -6.42 -35.93 18.53
CA TYR A 130 -6.43 -35.01 19.66
C TYR A 130 -5.03 -34.84 20.22
N TRP A 131 -4.67 -33.60 20.53
CA TRP A 131 -3.35 -33.23 21.02
C TRP A 131 -3.51 -32.44 22.30
N GLY A 132 -2.55 -32.59 23.20
CA GLY A 132 -2.51 -31.76 24.37
C GLY A 132 -2.02 -30.37 23.99
N GLN A 133 -2.00 -29.50 24.99
CA GLN A 133 -1.56 -28.13 24.77
C GLN A 133 -0.05 -28.00 24.76
N GLY A 134 0.67 -29.02 25.20
CA GLY A 134 2.11 -29.01 25.19
C GLY A 134 2.67 -28.44 26.48
N THR A 135 3.87 -28.89 26.83
CA THR A 135 4.58 -28.42 28.02
C THR A 135 6.05 -28.26 27.67
N LEU A 136 6.62 -27.11 28.05
CA LEU A 136 8.00 -26.81 27.73
C LEU A 136 8.97 -27.48 28.68
N VAL A 137 9.96 -28.16 28.11
CA VAL A 137 11.07 -28.75 28.86
C VAL A 137 12.33 -28.02 28.41
N THR A 138 13.00 -27.36 29.36
CA THR A 138 14.23 -26.63 29.08
C THR A 138 15.38 -27.29 29.84
N VAL A 139 16.37 -27.75 29.11
CA VAL A 139 17.51 -28.44 29.69
C VAL A 139 18.67 -27.47 29.73
N SER A 140 19.00 -26.98 30.92
CA SER A 140 20.00 -25.94 31.08
C SER A 140 20.45 -25.91 32.51
N SER A 141 21.70 -25.47 32.71
CA SER A 141 22.23 -25.25 34.04
C SER A 141 22.09 -23.80 34.50
N ALA A 142 21.56 -22.91 33.67
CA ALA A 142 21.33 -21.52 34.07
C ALA A 142 20.22 -21.44 35.08
N SER A 143 20.29 -20.43 35.95
CA SER A 143 19.37 -20.29 37.05
C SER A 143 18.10 -19.59 36.61
N THR A 144 16.99 -19.97 37.25
CA THR A 144 15.72 -19.29 37.05
C THR A 144 15.84 -17.85 37.54
N LYS A 145 15.29 -16.92 36.77
CA LYS A 145 15.24 -15.49 37.11
C LYS A 145 13.91 -14.92 36.63
N GLY A 146 13.17 -14.28 37.52
CA GLY A 146 11.90 -13.70 37.15
C GLY A 146 12.05 -12.34 36.47
N PRO A 147 11.02 -11.92 35.75
CA PRO A 147 11.14 -10.71 34.92
C PRO A 147 10.88 -9.45 35.70
N SER A 148 11.49 -8.36 35.24
CA SER A 148 11.06 -7.01 35.56
C SER A 148 10.07 -6.53 34.51
N VAL A 149 9.01 -5.86 34.94
CA VAL A 149 7.97 -5.42 34.02
C VAL A 149 7.95 -3.89 34.04
N PHE A 150 8.09 -3.29 32.84
CA PHE A 150 8.12 -1.83 32.71
C PHE A 150 7.05 -1.32 31.76
N PRO A 151 6.43 -0.18 32.06
CA PRO A 151 5.36 0.33 31.18
C PRO A 151 5.92 0.93 29.89
N LEU A 152 5.18 0.72 28.82
CA LEU A 152 5.36 1.45 27.55
C LEU A 152 4.20 2.44 27.47
N ALA A 153 4.48 3.68 27.79
CA ALA A 153 3.39 4.62 28.06
C ALA A 153 2.88 5.23 26.75
N PRO A 154 1.56 5.36 26.60
CA PRO A 154 0.99 5.92 25.34
C PRO A 154 1.47 7.31 24.97
N GLY A 162 -6.22 9.30 15.99
CA GLY A 162 -7.17 8.87 17.01
C GLY A 162 -6.92 7.49 17.59
N THR A 163 -5.73 6.95 17.35
CA THR A 163 -5.34 5.65 17.89
C THR A 163 -4.10 5.81 18.75
N ALA A 164 -4.09 5.16 19.90
CA ALA A 164 -2.94 5.20 20.79
C ALA A 164 -2.45 3.79 21.08
N ALA A 165 -1.15 3.67 21.22
CA ALA A 165 -0.51 2.40 21.53
C ALA A 165 0.11 2.48 22.91
N LEU A 166 -0.04 1.42 23.69
CA LEU A 166 0.62 1.32 24.98
C LEU A 166 1.04 -0.13 25.14
N GLY A 167 1.89 -0.38 26.12
CA GLY A 167 2.37 -1.74 26.25
C GLY A 167 3.16 -1.92 27.53
N CYS A 168 3.73 -3.11 27.65
CA CYS A 168 4.67 -3.42 28.74
CA CYS A 168 4.68 -3.34 28.77
C CYS A 168 5.91 -4.17 28.28
N LEU A 169 7.03 -3.85 28.85
CA LEU A 169 8.31 -4.47 28.54
C LEU A 169 8.62 -5.47 29.63
N VAL A 170 8.82 -6.72 29.25
CA VAL A 170 9.03 -7.82 30.18
C VAL A 170 10.48 -8.24 30.00
N LYS A 171 11.36 -7.84 30.91
CA LYS A 171 12.78 -7.92 30.66
C LYS A 171 13.49 -8.84 31.66
N ASP A 172 14.52 -9.54 31.16
CA ASP A 172 15.53 -10.24 31.95
C ASP A 172 14.95 -11.40 32.75
N TYR A 173 14.41 -12.40 32.06
CA TYR A 173 13.89 -13.58 32.72
C TYR A 173 14.45 -14.84 32.08
N PHE A 174 14.44 -15.92 32.88
CA PHE A 174 14.84 -17.23 32.40
C PHE A 174 14.17 -18.27 33.29
N PRO A 175 13.72 -19.41 32.75
CA PRO A 175 13.64 -19.79 31.34
C PRO A 175 12.38 -19.24 30.67
N GLU A 176 12.14 -19.56 29.40
CA GLU A 176 10.80 -19.41 28.88
C GLU A 176 9.88 -20.36 29.62
N PRO A 177 8.58 -20.11 29.61
CA PRO A 177 7.90 -19.00 28.97
C PRO A 177 7.35 -18.03 29.97
N VAL A 178 6.86 -16.92 29.46
CA VAL A 178 6.03 -16.00 30.23
C VAL A 178 4.72 -15.85 29.50
N THR A 179 3.65 -15.65 30.26
CA THR A 179 2.37 -15.31 29.67
C THR A 179 2.05 -13.86 30.02
N VAL A 180 1.62 -13.11 29.01
CA VAL A 180 1.18 -11.73 29.16
C VAL A 180 -0.28 -11.67 28.73
N SER A 181 -1.11 -11.03 29.54
CA SER A 181 -2.48 -10.73 29.17
C SER A 181 -2.74 -9.27 29.50
N TRP A 182 -3.80 -8.74 28.93
CA TRP A 182 -4.27 -7.39 29.22
C TRP A 182 -5.68 -7.48 29.82
N ASN A 183 -5.86 -6.83 30.97
CA ASN A 183 -7.10 -6.95 31.73
C ASN A 183 -7.53 -8.42 31.85
N SER A 184 -6.56 -9.25 32.20
CA SER A 184 -6.80 -10.63 32.61
C SER A 184 -7.42 -11.45 31.48
N GLY A 185 -7.15 -11.07 30.25
CA GLY A 185 -7.66 -11.78 29.08
C GLY A 185 -8.91 -11.18 28.48
N ALA A 186 -9.53 -10.23 29.15
CA ALA A 186 -10.69 -9.55 28.59
C ALA A 186 -10.33 -8.75 27.34
N LEU A 187 -9.14 -8.16 27.33
CA LEU A 187 -8.70 -7.29 26.25
C LEU A 187 -7.80 -8.11 25.33
N THR A 188 -8.33 -8.50 24.17
CA THR A 188 -7.56 -9.25 23.19
C THR A 188 -7.45 -8.55 21.86
N SER A 189 -8.45 -7.74 21.50
CA SER A 189 -8.42 -7.01 20.24
C SER A 189 -7.26 -6.02 20.23
N GLY A 190 -6.47 -6.07 19.16
CA GLY A 190 -5.38 -5.12 18.98
C GLY A 190 -4.14 -5.42 19.77
N VAL A 191 -4.06 -6.57 20.41
CA VAL A 191 -2.91 -6.95 21.22
C VAL A 191 -1.88 -7.63 20.34
N HIS A 192 -0.62 -7.26 20.53
CA HIS A 192 0.50 -7.94 19.91
C HIS A 192 1.53 -8.25 21.01
N THR A 193 1.66 -9.52 21.34
CA THR A 193 2.73 -9.97 22.24
C THR A 193 3.81 -10.58 21.38
N PHE A 194 4.97 -9.94 21.37
CA PHE A 194 6.05 -10.33 20.48
C PHE A 194 6.80 -11.55 21.01
N PRO A 195 7.37 -12.33 20.11
CA PRO A 195 8.23 -13.43 20.53
C PRO A 195 9.38 -12.90 21.38
N ALA A 196 9.73 -13.66 22.42
CA ALA A 196 10.88 -13.31 23.23
C ALA A 196 12.15 -13.38 22.41
N VAL A 197 13.09 -12.51 22.73
CA VAL A 197 14.42 -12.51 22.13
C VAL A 197 15.41 -12.81 23.21
N LEU A 198 16.42 -13.61 22.87
CA LEU A 198 17.49 -13.91 23.81
C LEU A 198 18.53 -12.80 23.76
N GLN A 199 18.82 -12.19 24.91
CA GLN A 199 19.82 -11.14 24.99
C GLN A 199 21.20 -11.75 25.24
N SER A 200 22.24 -10.96 24.95
CA SER A 200 23.61 -11.44 25.15
C SER A 200 23.86 -11.89 26.59
N SER A 201 23.08 -11.40 27.55
CA SER A 201 23.20 -11.79 28.94
C SER A 201 22.79 -13.24 29.20
N GLY A 202 22.12 -13.88 28.26
CA GLY A 202 21.54 -15.18 28.52
C GLY A 202 20.12 -15.14 29.05
N LEU A 203 19.53 -13.96 29.17
CA LEU A 203 18.16 -13.79 29.65
C LEU A 203 17.26 -13.36 28.51
N TYR A 204 15.97 -13.65 28.67
CA TYR A 204 14.99 -13.30 27.64
C TYR A 204 14.38 -11.93 27.92
N SER A 205 13.86 -11.33 26.86
CA SER A 205 13.09 -10.10 26.96
C SER A 205 12.01 -10.14 25.89
N LEU A 206 10.85 -9.56 26.21
CA LEU A 206 9.82 -9.38 25.21
C LEU A 206 8.97 -8.16 25.55
N SER A 207 8.25 -7.66 24.55
CA SER A 207 7.26 -6.62 24.73
C SER A 207 5.89 -7.12 24.34
N SER A 208 4.87 -6.59 25.00
CA SER A 208 3.48 -6.74 24.59
C SER A 208 2.88 -5.34 24.46
N VAL A 209 2.12 -5.12 23.38
CA VAL A 209 1.51 -3.82 23.12
C VAL A 209 0.05 -4.04 22.74
N VAL A 210 -0.73 -2.99 22.91
CA VAL A 210 -2.13 -2.97 22.49
C VAL A 210 -2.42 -1.59 21.93
N THR A 211 -3.19 -1.54 20.85
CA THR A 211 -3.65 -0.26 20.31
C THR A 211 -5.10 -0.07 20.71
N VAL A 212 -5.42 1.13 21.19
CA VAL A 212 -6.77 1.42 21.67
C VAL A 212 -7.17 2.79 21.13
N PRO A 213 -8.46 3.08 21.16
CA PRO A 213 -8.90 4.42 20.75
C PRO A 213 -8.43 5.47 21.73
N SER A 214 -7.93 6.59 21.20
CA SER A 214 -7.45 7.69 22.03
C SER A 214 -8.48 8.14 23.08
N SER A 215 -9.75 8.14 22.72
CA SER A 215 -10.78 8.60 23.64
C SER A 215 -10.91 7.69 24.85
N SER A 216 -10.63 6.40 24.69
CA SER A 216 -10.77 5.47 25.80
C SER A 216 -9.73 5.70 26.89
N LEU A 217 -8.60 6.33 26.56
CA LEU A 217 -7.61 6.62 27.59
C LEU A 217 -8.18 7.44 28.74
N GLY A 218 -9.24 8.20 28.50
CA GLY A 218 -9.82 9.02 29.55
C GLY A 218 -10.71 8.27 30.51
N THR A 219 -11.27 7.13 30.08
CA THR A 219 -12.20 6.39 30.94
C THR A 219 -11.78 4.96 31.23
N GLN A 220 -10.84 4.38 30.51
CA GLN A 220 -10.54 2.98 30.63
C GLN A 220 -9.23 2.77 31.38
N THR A 221 -9.13 1.62 32.04
CA THR A 221 -7.92 1.22 32.73
C THR A 221 -7.30 0.04 31.98
N TYR A 222 -5.98 0.07 31.84
CA TYR A 222 -5.26 -0.95 31.08
C TYR A 222 -4.20 -1.57 31.97
N ILE A 223 -4.39 -2.85 32.30
CA ILE A 223 -3.48 -3.59 33.16
C ILE A 223 -2.85 -4.69 32.33
N CYS A 224 -1.53 -4.77 32.35
CA CYS A 224 -0.82 -5.88 31.72
C CYS A 224 -0.43 -6.87 32.79
N ASN A 225 -0.87 -8.11 32.62
CA ASN A 225 -0.73 -9.17 33.62
C ASN A 225 0.36 -10.10 33.14
N VAL A 226 1.44 -10.20 33.90
CA VAL A 226 2.59 -11.02 33.52
C VAL A 226 2.73 -12.14 34.53
N ASN A 227 2.84 -13.36 34.03
CA ASN A 227 3.05 -14.53 34.87
C ASN A 227 4.25 -15.29 34.34
N HIS A 228 5.24 -15.50 35.20
CA HIS A 228 6.41 -16.30 34.87
C HIS A 228 6.37 -17.47 35.84
N LYS A 229 5.65 -18.53 35.47
CA LYS A 229 5.48 -19.64 36.41
C LYS A 229 6.81 -20.24 36.89
N PRO A 230 7.86 -20.34 36.09
CA PRO A 230 9.08 -20.97 36.60
C PRO A 230 9.66 -20.27 37.82
N SER A 231 9.49 -18.95 37.95
CA SER A 231 9.96 -18.23 39.10
C SER A 231 8.86 -17.90 40.10
N ASN A 232 7.61 -18.30 39.83
CA ASN A 232 6.45 -17.91 40.65
C ASN A 232 6.33 -16.39 40.76
N THR A 233 6.56 -15.69 39.65
CA THR A 233 6.45 -14.25 39.57
C THR A 233 5.14 -13.90 38.86
N LYS A 234 4.28 -13.15 39.52
CA LYS A 234 3.10 -12.56 38.89
C LYS A 234 3.16 -11.05 39.09
N VAL A 235 3.04 -10.31 38.00
CA VAL A 235 3.04 -8.85 38.04
C VAL A 235 1.83 -8.33 37.28
N ASP A 236 1.14 -7.37 37.87
CA ASP A 236 -0.04 -6.73 37.25
C ASP A 236 0.22 -5.23 37.24
N LYS A 237 0.74 -4.70 36.12
CA LYS A 237 1.17 -3.32 36.04
C LYS A 237 0.15 -2.46 35.29
N LYS A 238 -0.28 -1.37 35.93
CA LYS A 238 -1.13 -0.40 35.27
C LYS A 238 -0.27 0.45 34.34
N VAL A 239 -0.76 0.67 33.12
CA VAL A 239 -0.05 1.46 32.12
C VAL A 239 -0.91 2.65 31.79
N GLU A 240 -0.35 3.85 31.93
CA GLU A 240 -1.09 5.08 31.65
C GLU A 240 -0.08 6.17 31.31
N PRO A 241 -0.55 7.32 30.81
CA PRO A 241 0.33 8.45 30.47
C PRO A 241 1.13 8.97 31.63
N ASP B 20 14.95 -45.75 9.12
CA ASP B 20 13.76 -44.91 9.25
C ASP B 20 13.24 -44.42 7.90
N ILE B 21 11.94 -44.17 7.84
CA ILE B 21 11.29 -43.62 6.66
C ILE B 21 11.33 -42.10 6.76
N GLN B 22 11.93 -41.47 5.77
CA GLN B 22 11.97 -40.02 5.71
C GLN B 22 10.76 -39.53 4.92
N MET B 23 10.23 -38.39 5.35
CA MET B 23 9.11 -37.71 4.71
C MET B 23 9.65 -36.36 4.27
N THR B 24 9.77 -36.17 2.96
CA THR B 24 10.37 -34.96 2.42
C THR B 24 9.24 -34.07 1.90
N GLN B 25 9.00 -32.96 2.60
CA GLN B 25 8.01 -31.99 2.17
C GLN B 25 8.65 -30.91 1.30
N SER B 26 7.85 -30.42 0.35
CA SER B 26 8.30 -29.35 -0.53
C SER B 26 7.08 -28.51 -0.86
N PRO B 27 7.22 -27.17 -0.91
CA PRO B 27 8.40 -26.38 -0.54
C PRO B 27 8.47 -26.20 0.98
N SER B 28 9.59 -25.72 1.50
CA SER B 28 9.66 -25.45 2.93
C SER B 28 8.83 -24.21 3.31
N SER B 29 8.61 -23.28 2.36
CA SER B 29 7.69 -22.18 2.60
C SER B 29 7.10 -21.71 1.28
N LEU B 30 5.94 -21.06 1.36
CA LEU B 30 5.32 -20.46 0.19
C LEU B 30 4.46 -19.29 0.63
N SER B 31 4.23 -18.39 -0.31
CA SER B 31 3.36 -17.24 -0.13
C SER B 31 2.39 -17.19 -1.31
N ALA B 32 1.10 -17.08 -1.02
CA ALA B 32 0.07 -17.12 -2.05
C ALA B 32 -1.11 -16.22 -1.66
N SER B 33 -1.88 -15.82 -2.64
CA SER B 33 -2.92 -14.82 -2.42
C SER B 33 -4.19 -15.51 -1.94
N VAL B 34 -5.06 -14.71 -1.30
CA VAL B 34 -6.37 -15.23 -0.92
C VAL B 34 -7.10 -15.63 -2.19
N GLY B 35 -7.68 -16.83 -2.19
CA GLY B 35 -8.32 -17.38 -3.37
C GLY B 35 -7.45 -18.30 -4.19
N ASP B 36 -6.14 -18.27 -4.00
CA ASP B 36 -5.25 -19.11 -4.79
C ASP B 36 -5.40 -20.58 -4.40
N ARG B 37 -5.15 -21.44 -5.37
CA ARG B 37 -5.03 -22.88 -5.14
C ARG B 37 -3.59 -23.17 -4.74
N VAL B 38 -3.40 -23.77 -3.58
CA VAL B 38 -2.07 -24.07 -3.04
C VAL B 38 -1.91 -25.58 -2.89
N THR B 39 -0.75 -26.10 -3.31
CA THR B 39 -0.47 -27.52 -3.28
C THR B 39 0.89 -27.76 -2.64
N ILE B 40 0.90 -28.60 -1.63
CA ILE B 40 2.08 -28.97 -0.85
C ILE B 40 2.36 -30.44 -1.09
N THR B 41 3.63 -30.80 -1.24
CA THR B 41 3.97 -32.18 -1.52
C THR B 41 4.73 -32.79 -0.36
N CYS B 42 4.66 -34.11 -0.28
CA CYS B 42 5.32 -34.86 0.76
C CYS B 42 5.62 -36.22 0.17
N ARG B 43 6.89 -36.61 0.20
CA ARG B 43 7.38 -37.81 -0.50
C ARG B 43 8.04 -38.72 0.53
N ALA B 44 7.52 -39.94 0.66
CA ALA B 44 8.08 -40.92 1.58
C ALA B 44 9.26 -41.65 0.96
N SER B 45 10.27 -41.92 1.78
CA SER B 45 11.50 -42.52 1.25
C SER B 45 11.30 -43.97 0.84
N GLN B 46 10.31 -44.66 1.43
CA GLN B 46 9.89 -45.96 0.96
C GLN B 46 8.38 -46.03 1.13
N SER B 47 7.78 -47.14 0.72
CA SER B 47 6.33 -47.25 0.76
C SER B 47 5.82 -47.09 2.19
N VAL B 48 4.80 -46.26 2.34
CA VAL B 48 4.06 -46.19 3.59
C VAL B 48 2.59 -46.54 3.38
N SER B 49 2.29 -47.23 2.28
CA SER B 49 0.91 -47.53 1.87
C SER B 49 0.16 -46.19 1.86
N SER B 50 -1.03 -46.09 2.46
CA SER B 50 -1.76 -44.83 2.55
C SER B 50 -1.75 -44.26 3.97
N ALA B 51 -0.79 -44.67 4.79
CA ALA B 51 -0.78 -44.30 6.22
C ALA B 51 -0.09 -42.96 6.41
N VAL B 52 -0.68 -41.92 5.82
CA VAL B 52 -0.14 -40.57 5.85
C VAL B 52 -1.22 -39.62 6.33
N ALA B 53 -0.87 -38.77 7.28
CA ALA B 53 -1.76 -37.75 7.81
C ALA B 53 -1.15 -36.35 7.59
N TRP B 54 -2.01 -35.36 7.50
CA TRP B 54 -1.60 -33.96 7.40
C TRP B 54 -2.15 -33.20 8.60
N TYR B 55 -1.31 -32.32 9.15
CA TYR B 55 -1.65 -31.50 10.29
C TYR B 55 -1.42 -30.03 9.94
N GLN B 56 -2.24 -29.19 10.52
CA GLN B 56 -2.12 -27.74 10.47
C GLN B 56 -1.68 -27.26 11.85
N GLN B 57 -0.65 -26.43 11.92
CA GLN B 57 -0.22 -25.88 13.21
C GLN B 57 -0.14 -24.38 13.13
N LYS B 58 -0.93 -23.72 13.94
CA LYS B 58 -0.90 -22.27 14.04
C LYS B 58 0.04 -21.84 15.16
N PRO B 59 0.50 -20.58 15.13
CA PRO B 59 1.44 -20.13 16.14
C PRO B 59 0.98 -20.39 17.56
N GLY B 60 1.84 -21.06 18.32
CA GLY B 60 1.61 -21.27 19.73
C GLY B 60 0.52 -22.27 20.04
N LYS B 61 0.06 -23.00 19.06
CA LYS B 61 -1.01 -23.96 19.25
C LYS B 61 -0.55 -25.36 18.89
N ALA B 62 -1.27 -26.35 19.40
CA ALA B 62 -1.02 -27.74 19.06
C ALA B 62 -1.43 -28.00 17.62
N PRO B 63 -0.79 -28.95 16.96
CA PRO B 63 -1.24 -29.32 15.60
C PRO B 63 -2.69 -29.79 15.63
N LYS B 64 -3.37 -29.61 14.50
CA LYS B 64 -4.73 -30.07 14.29
C LYS B 64 -4.76 -30.98 13.07
N LEU B 65 -5.42 -32.12 13.20
CA LEU B 65 -5.52 -33.07 12.12
C LEU B 65 -6.41 -32.55 10.99
N LEU B 66 -5.90 -32.63 9.76
CA LEU B 66 -6.68 -32.26 8.58
C LEU B 66 -7.12 -33.45 7.76
N ILE B 67 -6.18 -34.30 7.41
CA ILE B 67 -6.34 -35.39 6.49
C ILE B 67 -5.75 -36.62 7.13
N TYR B 68 -6.46 -37.75 7.07
CA TYR B 68 -5.94 -39.03 7.50
C TYR B 68 -6.02 -40.03 6.35
N SER B 69 -5.20 -41.07 6.43
CA SER B 69 -5.16 -42.11 5.39
C SER B 69 -5.03 -41.46 4.01
N ALA B 70 -4.17 -40.46 3.93
CA ALA B 70 -3.72 -39.83 2.71
C ALA B 70 -4.73 -38.88 2.07
N SER B 71 -6.00 -39.24 2.08
CA SER B 71 -7.00 -38.52 1.30
C SER B 71 -8.36 -38.37 1.96
N SER B 72 -8.53 -38.80 3.19
CA SER B 72 -9.80 -38.67 3.89
C SER B 72 -9.80 -37.41 4.74
N LEU B 73 -10.87 -36.64 4.63
CA LEU B 73 -11.01 -35.38 5.36
C LEU B 73 -11.48 -35.67 6.77
N TYR B 74 -10.70 -35.23 7.76
CA TYR B 74 -11.09 -35.37 9.15
C TYR B 74 -12.36 -34.58 9.47
N SER B 75 -13.16 -35.16 10.37
CA SER B 75 -14.42 -34.56 10.76
C SER B 75 -14.25 -33.10 11.11
N GLY B 76 -15.09 -32.23 10.50
CA GLY B 76 -15.09 -30.82 10.81
C GLY B 76 -14.08 -29.98 10.06
N VAL B 77 -13.22 -30.57 9.26
CA VAL B 77 -12.25 -29.83 8.46
C VAL B 77 -12.94 -29.22 7.23
N PRO B 78 -12.64 -27.97 6.87
CA PRO B 78 -13.29 -27.36 5.70
C PRO B 78 -13.00 -28.13 4.41
N SER B 79 -13.99 -28.14 3.51
CA SER B 79 -13.89 -28.88 2.27
C SER B 79 -12.86 -28.32 1.30
N ARG B 80 -12.34 -27.11 1.53
CA ARG B 80 -11.26 -26.62 0.68
C ARG B 80 -9.96 -27.40 0.86
N PHE B 81 -9.86 -28.26 1.89
CA PHE B 81 -8.69 -29.11 2.11
C PHE B 81 -8.93 -30.48 1.51
N SER B 82 -7.95 -30.99 0.79
CA SER B 82 -8.01 -32.33 0.19
C SER B 82 -6.60 -32.89 0.11
N GLY B 83 -6.51 -34.21 0.01
CA GLY B 83 -5.22 -34.85 -0.17
C GLY B 83 -5.30 -35.95 -1.22
N SER B 84 -4.12 -36.35 -1.70
CA SER B 84 -4.05 -37.43 -2.67
C SER B 84 -2.77 -38.21 -2.47
N ARG B 85 -2.78 -39.44 -2.96
CA ARG B 85 -1.62 -40.30 -2.93
C ARG B 85 -1.35 -40.83 -4.33
N SER B 86 -0.09 -40.79 -4.74
CA SER B 86 0.38 -41.46 -5.95
C SER B 86 1.66 -42.20 -5.60
N GLY B 87 1.56 -43.51 -5.31
CA GLY B 87 2.72 -44.27 -4.89
C GLY B 87 3.23 -43.74 -3.54
N THR B 88 4.45 -43.21 -3.53
CA THR B 88 5.04 -42.59 -2.35
C THR B 88 4.92 -41.07 -2.34
N ASP B 89 4.22 -40.51 -3.33
CA ASP B 89 4.03 -39.06 -3.46
C ASP B 89 2.66 -38.69 -2.92
N PHE B 90 2.66 -37.84 -1.89
CA PHE B 90 1.43 -37.37 -1.26
C PHE B 90 1.31 -35.87 -1.47
N THR B 91 0.09 -35.40 -1.61
CA THR B 91 -0.16 -33.97 -1.75
C THR B 91 -1.31 -33.55 -0.86
N LEU B 92 -1.17 -32.34 -0.35
CA LEU B 92 -2.22 -31.60 0.35
C LEU B 92 -2.55 -30.37 -0.49
N THR B 93 -3.81 -30.15 -0.76
CA THR B 93 -4.21 -29.02 -1.56
C THR B 93 -5.23 -28.19 -0.81
N ILE B 94 -5.03 -26.88 -0.87
CA ILE B 94 -6.04 -25.91 -0.44
C ILE B 94 -6.63 -25.28 -1.69
N SER B 95 -7.92 -25.52 -1.91
CA SER B 95 -8.50 -25.16 -3.20
C SER B 95 -8.69 -23.64 -3.32
N SER B 96 -8.84 -22.92 -2.22
CA SER B 96 -9.01 -21.47 -2.26
C SER B 96 -8.46 -20.91 -0.94
N LEU B 97 -7.23 -20.43 -0.97
CA LEU B 97 -6.55 -20.07 0.27
C LEU B 97 -7.30 -18.94 0.97
N GLN B 98 -7.45 -19.07 2.28
CA GLN B 98 -8.12 -18.07 3.11
C GLN B 98 -7.13 -17.48 4.12
N PRO B 99 -7.39 -16.26 4.62
CA PRO B 99 -6.43 -15.64 5.55
C PRO B 99 -6.13 -16.48 6.78
N GLU B 100 -7.12 -17.19 7.32
CA GLU B 100 -6.93 -18.02 8.50
C GLU B 100 -6.15 -19.32 8.21
N ASP B 101 -5.81 -19.59 6.96
CA ASP B 101 -5.00 -20.73 6.60
C ASP B 101 -3.51 -20.51 6.79
N PHE B 102 -3.09 -19.32 7.22
CA PHE B 102 -1.72 -19.11 7.65
C PHE B 102 -1.38 -20.12 8.73
N ALA B 103 -0.33 -20.91 8.50
CA ALA B 103 0.04 -22.00 9.40
C ALA B 103 1.28 -22.69 8.82
N THR B 104 1.84 -23.61 9.61
CA THR B 104 2.78 -24.58 9.09
C THR B 104 2.04 -25.92 8.95
N TYR B 105 2.21 -26.57 7.80
CA TYR B 105 1.54 -27.84 7.51
C TYR B 105 2.58 -28.96 7.58
N TYR B 106 2.22 -30.05 8.24
CA TYR B 106 3.10 -31.20 8.40
C TYR B 106 2.42 -32.46 7.87
N CYS B 107 3.17 -33.27 7.13
CA CYS B 107 2.76 -34.63 6.82
C CYS B 107 3.44 -35.60 7.79
N GLN B 108 2.82 -36.76 7.97
CA GLN B 108 3.33 -37.71 8.95
C GLN B 108 2.97 -39.12 8.51
N GLN B 109 3.95 -40.04 8.51
CA GLN B 109 3.66 -41.45 8.24
C GLN B 109 3.49 -42.25 9.54
N SER B 110 2.52 -43.15 9.51
CA SER B 110 2.22 -44.08 10.59
C SER B 110 2.19 -45.51 10.07
N TYR B 111 2.99 -45.78 9.03
CA TYR B 111 3.13 -47.12 8.46
C TYR B 111 4.17 -47.94 9.25
N SER B 112 5.26 -47.32 9.64
CA SER B 112 6.33 -48.00 10.34
C SER B 112 6.81 -47.19 11.52
N PHE B 113 7.16 -47.87 12.58
CA PHE B 113 7.84 -47.25 13.71
C PHE B 113 9.34 -47.21 13.41
N PRO B 114 10.01 -46.12 13.68
CA PRO B 114 9.50 -44.87 14.28
C PRO B 114 8.64 -44.07 13.32
N ASN B 115 7.50 -43.56 13.80
CA ASN B 115 6.74 -42.64 13.01
C ASN B 115 7.61 -41.41 12.72
N THR B 116 7.30 -40.73 11.63
CA THR B 116 8.14 -39.62 11.21
C THR B 116 7.27 -38.54 10.58
N PHE B 117 7.64 -37.29 10.84
CA PHE B 117 6.99 -36.11 10.27
C PHE B 117 7.87 -35.52 9.17
N GLY B 118 7.24 -34.91 8.19
CA GLY B 118 7.95 -34.02 7.30
C GLY B 118 8.49 -32.79 8.05
N GLN B 119 9.36 -32.06 7.37
CA GLN B 119 9.96 -30.86 7.96
C GLN B 119 8.96 -29.71 8.10
N GLY B 120 7.84 -29.76 7.40
CA GLY B 120 6.81 -28.76 7.46
C GLY B 120 6.92 -27.75 6.33
N THR B 121 5.79 -27.16 5.98
CA THR B 121 5.71 -26.12 4.97
C THR B 121 5.01 -24.93 5.61
N LYS B 122 5.72 -23.80 5.68
CA LYS B 122 5.15 -22.53 6.16
C LYS B 122 4.36 -21.84 5.05
N VAL B 123 3.06 -21.63 5.27
CA VAL B 123 2.20 -20.98 4.28
C VAL B 123 1.91 -19.55 4.75
N GLU B 124 2.38 -18.57 4.00
CA GLU B 124 2.08 -17.16 4.22
C GLU B 124 1.04 -16.65 3.22
N ILE B 125 0.19 -15.74 3.68
CA ILE B 125 -0.81 -15.11 2.86
C ILE B 125 -0.23 -13.84 2.22
N LYS B 126 -0.24 -13.79 0.89
CA LYS B 126 0.21 -12.63 0.14
C LYS B 126 -0.97 -11.68 -0.03
N ARG B 127 -0.83 -10.45 0.46
CA ARG B 127 -1.87 -9.44 0.39
C ARG B 127 -1.27 -8.14 -0.14
N THR B 128 -2.11 -7.12 -0.30
CA THR B 128 -1.60 -5.85 -0.80
C THR B 128 -0.69 -5.22 0.25
N VAL B 129 0.19 -4.33 -0.22
CA VAL B 129 1.17 -3.70 0.65
C VAL B 129 0.46 -2.78 1.61
N ALA B 130 0.95 -2.73 2.84
CA ALA B 130 0.38 -1.88 3.87
C ALA B 130 1.52 -1.31 4.70
N ALA B 131 1.54 -0.02 4.83
CA ALA B 131 2.63 0.65 5.51
C ALA B 131 2.44 0.50 7.01
N PRO B 132 3.54 0.47 7.77
CA PRO B 132 3.41 0.38 9.22
C PRO B 132 2.99 1.70 9.85
N SER B 133 2.26 1.58 10.96
CA SER B 133 2.05 2.71 11.87
C SER B 133 3.15 2.64 12.92
N VAL B 134 3.84 3.76 13.13
CA VAL B 134 5.07 3.75 13.93
C VAL B 134 4.81 4.50 15.22
N PHE B 135 5.27 3.92 16.32
CA PHE B 135 5.18 4.52 17.65
C PHE B 135 6.52 4.36 18.34
N ILE B 136 6.92 5.37 19.14
CA ILE B 136 8.16 5.29 19.90
C ILE B 136 7.83 5.43 21.39
N PHE B 137 8.55 4.69 22.21
CA PHE B 137 8.33 4.64 23.66
C PHE B 137 9.63 4.95 24.38
N PRO B 138 9.67 5.97 25.23
CA PRO B 138 10.85 6.23 26.04
C PRO B 138 11.02 5.18 27.13
N PRO B 139 12.22 5.08 27.70
CA PRO B 139 12.40 4.24 28.89
C PRO B 139 11.65 4.82 30.07
N SER B 140 11.16 3.91 30.92
CA SER B 140 10.47 4.28 32.14
C SER B 140 11.48 4.68 33.22
N ASP B 141 11.04 5.58 34.11
CA ASP B 141 11.89 5.93 35.24
C ASP B 141 12.19 4.71 36.10
N GLU B 142 11.23 3.79 36.25
CA GLU B 142 11.49 2.61 37.07
C GLU B 142 12.65 1.79 36.52
N GLN B 143 12.71 1.63 35.19
CA GLN B 143 13.82 0.88 34.61
C GLN B 143 15.15 1.56 34.86
N LEU B 144 15.19 2.88 34.74
CA LEU B 144 16.46 3.59 34.88
C LEU B 144 17.09 3.37 36.26
N LYS B 145 16.29 3.05 37.26
CA LYS B 145 16.81 2.73 38.58
C LYS B 145 17.88 1.65 38.52
N SER B 146 17.77 0.69 37.60
CA SER B 146 18.72 -0.43 37.57
C SER B 146 19.73 -0.28 36.45
N GLY B 147 19.86 0.93 35.89
CA GLY B 147 21.04 1.33 35.17
C GLY B 147 21.00 1.17 33.67
N THR B 148 19.90 0.68 33.13
CA THR B 148 19.75 0.45 31.70
C THR B 148 18.51 1.18 31.21
N ALA B 149 18.57 1.66 29.97
CA ALA B 149 17.44 2.31 29.33
C ALA B 149 17.09 1.49 28.07
N SER B 150 15.85 1.06 27.98
CA SER B 150 15.32 0.43 26.77
C SER B 150 14.39 1.41 26.06
N VAL B 151 14.67 1.69 24.79
CA VAL B 151 13.81 2.50 23.94
C VAL B 151 13.19 1.57 22.91
N VAL B 152 11.88 1.68 22.75
CA VAL B 152 11.12 0.70 21.95
C VAL B 152 10.46 1.43 20.79
N CYS B 153 10.60 0.87 19.61
CA CYS B 153 9.96 1.35 18.41
C CYS B 153 9.00 0.26 17.95
N LEU B 154 7.74 0.61 17.75
CA LEU B 154 6.71 -0.31 17.32
C LEU B 154 6.27 0.02 15.89
N LEU B 155 6.32 -0.98 15.01
CA LEU B 155 5.78 -0.92 13.67
C LEU B 155 4.54 -1.82 13.61
N ASN B 156 3.38 -1.23 13.38
CA ASN B 156 2.12 -1.94 13.57
C ASN B 156 1.42 -2.20 12.24
N ASN B 157 1.05 -3.46 12.02
CA ASN B 157 0.07 -3.85 11.00
C ASN B 157 0.54 -3.44 9.60
N PHE B 158 1.61 -4.08 9.17
CA PHE B 158 2.21 -3.83 7.86
C PHE B 158 2.34 -5.13 7.08
N TYR B 159 2.48 -4.99 5.76
CA TYR B 159 2.75 -6.10 4.86
C TYR B 159 3.50 -5.52 3.66
N PRO B 160 4.59 -6.14 3.22
CA PRO B 160 5.17 -7.44 3.63
C PRO B 160 6.00 -7.35 4.90
N ARG B 161 6.54 -8.51 5.30
CA ARG B 161 7.22 -8.65 6.58
C ARG B 161 8.52 -7.89 6.63
N GLU B 162 9.17 -7.70 5.48
CA GLU B 162 10.47 -7.04 5.47
C GLU B 162 10.32 -5.57 5.81
N ALA B 163 11.10 -5.11 6.79
CA ALA B 163 11.09 -3.70 7.20
C ALA B 163 12.46 -3.36 7.76
N LYS B 164 12.85 -2.10 7.63
CA LYS B 164 14.13 -1.63 8.12
C LYS B 164 13.90 -0.54 9.16
N VAL B 165 14.49 -0.73 10.34
CA VAL B 165 14.44 0.24 11.42
C VAL B 165 15.87 0.72 11.70
N GLN B 166 16.07 2.02 11.69
CA GLN B 166 17.33 2.62 12.07
C GLN B 166 17.13 3.49 13.31
N TRP B 167 17.98 3.33 14.29
CA TRP B 167 17.97 4.20 15.45
C TRP B 167 18.98 5.31 15.27
N LYS B 168 18.61 6.51 15.72
CA LYS B 168 19.51 7.64 15.73
C LYS B 168 19.41 8.31 17.10
N VAL B 169 20.56 8.59 17.69
CA VAL B 169 20.64 9.34 18.94
C VAL B 169 21.40 10.62 18.65
N ASP B 170 20.76 11.75 18.89
CA ASP B 170 21.27 13.04 18.45
C ASP B 170 21.77 12.95 17.00
N ASN B 171 20.93 12.33 16.18
CA ASN B 171 21.16 12.13 14.74
C ASN B 171 22.39 11.29 14.42
N ALA B 172 22.96 10.59 15.41
CA ALA B 172 24.03 9.65 15.16
C ALA B 172 23.45 8.24 15.02
N LEU B 173 23.77 7.58 13.92
CA LEU B 173 23.23 6.26 13.64
C LEU B 173 23.73 5.23 14.63
N GLN B 174 22.81 4.43 15.16
CA GLN B 174 23.13 3.38 16.11
C GLN B 174 23.34 2.04 15.40
N SER B 175 24.30 1.27 15.89
CA SER B 175 24.61 -0.04 15.39
C SER B 175 24.94 -0.96 16.55
N GLY B 176 24.44 -2.20 16.47
CA GLY B 176 24.86 -3.25 17.37
C GLY B 176 24.17 -3.27 18.70
N ASN B 177 23.31 -2.30 19.02
CA ASN B 177 22.65 -2.21 20.30
C ASN B 177 21.13 -2.28 20.18
N SER B 178 20.60 -2.93 19.12
CA SER B 178 19.16 -3.11 19.00
C SER B 178 18.84 -4.55 18.63
N GLN B 179 17.68 -5.01 19.05
CA GLN B 179 17.14 -6.31 18.62
C GLN B 179 15.70 -6.12 18.17
N GLU B 180 15.30 -6.91 17.17
CA GLU B 180 13.97 -6.87 16.59
C GLU B 180 13.22 -8.17 16.89
N SER B 181 11.89 -8.06 17.00
CA SER B 181 11.00 -9.18 17.11
C SER B 181 9.79 -8.93 16.21
N VAL B 182 9.35 -9.96 15.51
CA VAL B 182 8.22 -9.85 14.59
C VAL B 182 7.13 -10.81 15.02
N THR B 183 5.89 -10.36 14.98
CA THR B 183 4.78 -11.27 15.25
C THR B 183 4.57 -12.21 14.08
N GLU B 184 3.86 -13.30 14.35
CA GLU B 184 3.38 -14.15 13.28
C GLU B 184 2.27 -13.44 12.52
N GLN B 185 2.05 -13.86 11.29
CA GLN B 185 1.08 -13.19 10.44
C GLN B 185 -0.30 -13.24 11.08
N ASP B 186 -1.02 -12.12 11.04
CA ASP B 186 -2.36 -12.03 11.59
C ASP B 186 -3.32 -12.88 10.77
N SER B 187 -4.16 -13.66 11.45
CA SER B 187 -5.01 -14.62 10.75
C SER B 187 -6.24 -13.98 10.12
N LYS B 188 -6.49 -12.70 10.39
CA LYS B 188 -7.61 -11.96 9.83
C LYS B 188 -7.19 -11.00 8.74
N ASP B 189 -6.26 -10.08 8.99
CA ASP B 189 -5.86 -9.06 8.02
C ASP B 189 -4.50 -9.33 7.40
N SER B 190 -3.87 -10.44 7.73
CA SER B 190 -2.64 -10.92 7.10
C SER B 190 -1.48 -9.96 7.26
N THR B 191 -1.48 -9.12 8.30
CA THR B 191 -0.39 -8.18 8.54
C THR B 191 0.57 -8.69 9.63
N TYR B 192 1.71 -8.02 9.73
CA TYR B 192 2.75 -8.22 10.71
C TYR B 192 2.85 -7.00 11.60
N SER B 193 3.39 -7.22 12.80
CA SER B 193 3.88 -6.14 13.63
C SER B 193 5.30 -6.47 14.05
N LEU B 194 6.05 -5.42 14.41
CA LEU B 194 7.46 -5.56 14.63
C LEU B 194 7.84 -4.62 15.76
N SER B 195 8.65 -5.13 16.69
CA SER B 195 9.18 -4.31 17.77
C SER B 195 10.70 -4.26 17.63
N SER B 196 11.27 -3.07 17.80
CA SER B 196 12.72 -2.87 17.84
C SER B 196 13.05 -2.23 19.18
N THR B 197 14.02 -2.78 19.86
CA THR B 197 14.41 -2.31 21.19
C THR B 197 15.85 -1.87 21.14
N LEU B 198 16.08 -0.58 21.44
CA LEU B 198 17.40 -0.01 21.59
C LEU B 198 17.76 -0.08 23.07
N THR B 199 18.91 -0.65 23.38
CA THR B 199 19.37 -0.76 24.76
C THR B 199 20.58 0.12 24.98
N LEU B 200 20.48 1.02 25.94
CA LEU B 200 21.57 1.90 26.30
C LEU B 200 21.81 1.82 27.81
N SER B 201 22.99 2.23 28.22
CA SER B 201 23.19 2.44 29.66
C SER B 201 22.46 3.71 30.08
N LYS B 202 22.07 3.76 31.35
CA LYS B 202 21.46 4.99 31.84
C LYS B 202 22.37 6.19 31.61
N ALA B 203 23.66 6.02 31.88
CA ALA B 203 24.60 7.13 31.74
C ALA B 203 24.60 7.67 30.31
N ASP B 204 24.65 6.78 29.33
CA ASP B 204 24.64 7.24 27.93
C ASP B 204 23.31 7.87 27.56
N TYR B 205 22.20 7.26 28.02
CA TYR B 205 20.89 7.85 27.76
C TYR B 205 20.82 9.28 28.27
N GLU B 206 21.41 9.54 29.42
CA GLU B 206 21.37 10.86 30.01
C GLU B 206 22.28 11.84 29.29
N LYS B 207 23.25 11.34 28.53
CA LYS B 207 24.18 12.22 27.83
C LYS B 207 23.61 12.77 26.52
N HIS B 208 22.45 12.29 26.08
CA HIS B 208 21.92 12.66 24.78
C HIS B 208 20.47 13.09 24.90
N LYS B 209 20.01 13.81 23.88
CA LYS B 209 18.70 14.44 23.92
C LYS B 209 17.68 13.81 22.99
N VAL B 210 18.01 13.66 21.72
CA VAL B 210 17.03 13.31 20.71
C VAL B 210 17.16 11.81 20.42
N TYR B 211 16.05 11.09 20.53
CA TYR B 211 16.01 9.65 20.27
C TYR B 211 15.00 9.40 19.16
N ALA B 212 15.46 8.77 18.10
CA ALA B 212 14.61 8.63 16.91
C ALA B 212 14.72 7.23 16.33
N CYS B 213 13.57 6.72 15.92
CA CYS B 213 13.54 5.45 15.12
CA CYS B 213 13.49 5.50 15.09
C CYS B 213 13.02 5.82 13.68
N GLU B 214 13.81 5.49 12.68
CA GLU B 214 13.55 5.80 11.29
C GLU B 214 13.24 4.50 10.55
N VAL B 215 12.09 4.47 9.88
CA VAL B 215 11.51 3.24 9.35
C VAL B 215 11.34 3.39 7.86
N THR B 216 11.87 2.43 7.11
CA THR B 216 11.62 2.30 5.70
C THR B 216 10.93 0.96 5.46
N HIS B 217 10.11 0.92 4.41
CA HIS B 217 9.23 -0.21 4.17
C HIS B 217 8.65 -0.01 2.77
N GLN B 218 8.21 -1.12 2.16
CA GLN B 218 7.73 -1.00 0.78
C GLN B 218 6.50 -0.12 0.68
N GLY B 219 5.73 0.00 1.73
CA GLY B 219 4.53 0.81 1.69
C GLY B 219 4.74 2.29 1.94
N LEU B 220 5.98 2.68 2.21
CA LEU B 220 6.35 4.05 2.56
C LEU B 220 7.14 4.65 1.41
N SER B 221 6.71 5.82 0.94
CA SER B 221 7.42 6.49 -0.15
C SER B 221 8.60 7.29 0.36
N SER B 222 8.61 7.67 1.62
CA SER B 222 9.77 8.27 2.26
C SER B 222 9.79 7.71 3.68
N PRO B 223 10.93 7.78 4.36
CA PRO B 223 11.02 7.19 5.69
C PRO B 223 10.10 7.90 6.68
N VAL B 224 9.60 7.13 7.64
CA VAL B 224 8.86 7.66 8.77
C VAL B 224 9.82 7.71 9.96
N THR B 225 9.89 8.87 10.61
CA THR B 225 10.68 9.02 11.84
C THR B 225 9.75 9.43 12.97
N LYS B 226 9.79 8.67 14.06
CA LYS B 226 9.19 9.07 15.31
C LYS B 226 10.31 9.33 16.32
N SER B 227 10.15 10.36 17.12
CA SER B 227 11.23 10.74 18.01
C SER B 227 10.64 11.35 19.25
N PHE B 228 11.49 11.45 20.27
CA PHE B 228 11.17 12.18 21.48
C PHE B 228 12.46 12.81 21.99
N ASN B 229 12.30 13.81 22.84
CA ASN B 229 13.40 14.46 23.53
C ASN B 229 13.38 14.02 24.98
N ARG B 230 14.47 13.45 25.45
CA ARG B 230 14.57 13.06 26.86
C ARG B 230 14.26 14.27 27.71
N GLY B 231 13.24 14.13 28.57
CA GLY B 231 12.70 15.25 29.31
C GLY B 231 11.38 15.76 28.74
N ASP C 20 15.79 40.11 -24.21
CA ASP C 20 14.84 40.12 -23.10
C ASP C 20 15.42 39.44 -21.87
N ILE C 21 14.69 39.54 -20.77
CA ILE C 21 15.18 39.10 -19.47
C ILE C 21 14.77 37.64 -19.27
N GLN C 22 15.75 36.78 -19.05
CA GLN C 22 15.50 35.36 -18.82
C GLN C 22 15.23 35.10 -17.34
N MET C 23 14.21 34.32 -17.08
CA MET C 23 13.89 33.83 -15.73
C MET C 23 14.19 32.34 -15.73
N THR C 24 15.23 31.95 -15.01
CA THR C 24 15.66 30.56 -14.94
C THR C 24 15.13 29.96 -13.65
N GLN C 25 14.22 28.99 -13.78
CA GLN C 25 13.53 28.40 -12.65
C GLN C 25 14.07 27.01 -12.37
N SER C 26 14.25 26.70 -11.09
CA SER C 26 14.80 25.45 -10.60
C SER C 26 14.13 25.03 -9.30
N PRO C 27 13.90 23.73 -9.08
CA PRO C 27 14.13 22.58 -9.99
C PRO C 27 13.00 22.50 -11.00
N SER C 28 13.14 21.68 -12.06
CA SER C 28 12.01 21.54 -12.99
C SER C 28 10.87 20.73 -12.38
N SER C 29 11.17 19.77 -11.50
CA SER C 29 10.14 19.05 -10.76
C SER C 29 10.63 18.71 -9.37
N LEU C 30 9.69 18.51 -8.46
CA LEU C 30 10.03 17.98 -7.14
C LEU C 30 8.85 17.18 -6.58
N SER C 31 9.16 16.29 -5.66
CA SER C 31 8.19 15.46 -4.99
C SER C 31 8.45 15.57 -3.50
N ALA C 32 7.41 15.93 -2.73
CA ALA C 32 7.60 16.13 -1.30
C ALA C 32 6.38 15.67 -0.52
N SER C 33 6.60 15.33 0.75
CA SER C 33 5.52 14.83 1.57
C SER C 33 4.70 15.99 2.16
N VAL C 34 3.45 15.67 2.49
CA VAL C 34 2.58 16.61 3.18
C VAL C 34 3.28 17.07 4.44
N GLY C 35 3.26 18.37 4.68
CA GLY C 35 3.94 18.96 5.83
C GLY C 35 5.37 19.38 5.56
N ASP C 36 5.94 19.02 4.40
CA ASP C 36 7.30 19.41 4.08
C ASP C 36 7.38 20.90 3.70
N ARG C 37 8.56 21.47 3.89
CA ARG C 37 8.89 22.79 3.40
C ARG C 37 9.42 22.64 1.99
N VAL C 38 8.79 23.32 1.03
CA VAL C 38 9.17 23.27 -0.36
C VAL C 38 9.68 24.64 -0.76
N THR C 39 10.81 24.67 -1.45
CA THR C 39 11.40 25.90 -1.92
C THR C 39 11.68 25.83 -3.41
N ILE C 40 11.17 26.81 -4.14
CA ILE C 40 11.34 26.94 -5.58
C ILE C 40 12.08 28.25 -5.85
N THR C 41 13.08 28.19 -6.74
CA THR C 41 14.00 29.29 -7.02
C THR C 41 13.88 29.71 -8.47
N CYS C 42 14.06 31.02 -8.70
CA CYS C 42 13.96 31.62 -10.02
C CYS C 42 14.98 32.75 -10.08
N ARG C 43 15.97 32.61 -10.94
CA ARG C 43 17.03 33.61 -11.08
C ARG C 43 16.83 34.43 -12.35
N ALA C 44 16.80 35.75 -12.20
CA ALA C 44 16.69 36.65 -13.36
C ALA C 44 18.05 36.89 -13.96
N SER C 45 18.09 37.03 -15.29
CA SER C 45 19.37 37.24 -15.97
C SER C 45 19.94 38.64 -15.77
N GLN C 46 19.11 39.62 -15.45
CA GLN C 46 19.56 40.92 -14.98
C GLN C 46 18.59 41.39 -13.90
N SER C 47 18.92 42.51 -13.26
CA SER C 47 18.05 43.05 -12.23
C SER C 47 16.64 43.25 -12.76
N VAL C 48 15.65 42.86 -11.96
CA VAL C 48 14.25 43.14 -12.27
C VAL C 48 13.62 43.89 -11.09
N SER C 49 14.47 44.54 -10.29
CA SER C 49 14.07 45.18 -9.02
C SER C 49 13.26 44.12 -8.25
N SER C 50 12.06 44.45 -7.78
CA SER C 50 11.21 43.45 -7.11
C SER C 50 9.99 43.05 -7.96
N ALA C 51 10.05 43.29 -9.27
CA ALA C 51 8.87 43.11 -10.12
C ALA C 51 8.74 41.67 -10.57
N VAL C 52 8.48 40.79 -9.60
CA VAL C 52 8.38 39.35 -9.84
C VAL C 52 7.11 38.83 -9.20
N ALA C 53 6.32 38.08 -9.97
CA ALA C 53 5.11 37.43 -9.49
C ALA C 53 5.27 35.91 -9.54
N TRP C 54 4.54 35.21 -8.66
CA TRP C 54 4.48 33.75 -8.68
C TRP C 54 3.05 33.29 -8.88
N TYR C 55 2.86 32.31 -9.76
CA TYR C 55 1.55 31.75 -10.07
C TYR C 55 1.51 30.25 -9.79
N GLN C 56 0.31 29.76 -9.53
CA GLN C 56 0.04 28.34 -9.35
C GLN C 56 -0.93 27.92 -10.45
N GLN C 57 -0.60 26.87 -11.17
CA GLN C 57 -1.48 26.36 -12.21
C GLN C 57 -1.78 24.90 -11.96
N LYS C 58 -3.03 24.58 -11.68
CA LYS C 58 -3.49 23.20 -11.73
C LYS C 58 -3.65 22.75 -13.18
N PRO C 59 -3.45 21.47 -13.46
CA PRO C 59 -3.47 21.02 -14.85
C PRO C 59 -4.80 21.32 -15.51
N GLY C 60 -4.74 21.90 -16.70
CA GLY C 60 -5.94 22.25 -17.43
C GLY C 60 -6.71 23.44 -16.89
N LYS C 61 -6.14 24.19 -15.95
CA LYS C 61 -6.82 25.30 -15.34
C LYS C 61 -6.05 26.59 -15.58
N ALA C 62 -6.75 27.70 -15.46
CA ALA C 62 -6.09 28.99 -15.53
C ALA C 62 -5.16 29.17 -14.33
N PRO C 63 -3.98 29.72 -14.54
CA PRO C 63 -3.12 30.05 -13.41
C PRO C 63 -3.80 31.00 -12.44
N LYS C 64 -3.33 30.96 -11.19
CA LYS C 64 -3.79 31.88 -10.16
C LYS C 64 -2.60 32.56 -9.52
N LEU C 65 -2.76 33.83 -9.21
CA LEU C 65 -1.70 34.62 -8.58
C LEU C 65 -1.52 34.25 -7.12
N LEU C 66 -0.27 34.05 -6.72
CA LEU C 66 0.09 33.78 -5.32
C LEU C 66 0.84 34.95 -4.69
N ILE C 67 1.90 35.41 -5.34
CA ILE C 67 2.85 36.38 -4.80
C ILE C 67 3.05 37.44 -5.86
N TYR C 68 3.13 38.71 -5.46
CA TYR C 68 3.41 39.82 -6.36
C TYR C 68 4.48 40.69 -5.72
N SER C 69 5.22 41.41 -6.55
CA SER C 69 6.29 42.30 -6.07
C SER C 69 7.27 41.53 -5.20
N ALA C 70 7.53 40.28 -5.59
CA ALA C 70 8.55 39.43 -5.03
C ALA C 70 8.13 38.80 -3.71
N SER C 71 7.53 39.59 -2.81
CA SER C 71 7.34 39.15 -1.44
C SER C 71 5.95 39.45 -0.88
N SER C 72 5.02 39.94 -1.67
CA SER C 72 3.72 40.31 -1.13
C SER C 72 2.71 39.21 -1.45
N LEU C 73 1.98 38.80 -0.42
CA LEU C 73 1.02 37.71 -0.55
C LEU C 73 -0.28 38.27 -1.12
N TYR C 74 -0.72 37.69 -2.23
CA TYR C 74 -1.95 38.14 -2.84
C TYR C 74 -3.12 37.78 -1.94
N SER C 75 -4.08 38.67 -1.86
CA SER C 75 -5.18 38.51 -0.93
C SER C 75 -5.95 37.24 -1.24
N GLY C 76 -6.33 36.53 -0.17
CA GLY C 76 -7.02 35.28 -0.27
C GLY C 76 -6.11 34.07 -0.31
N VAL C 77 -4.82 34.25 -0.53
CA VAL C 77 -3.89 33.12 -0.66
C VAL C 77 -3.50 32.64 0.74
N PRO C 78 -3.41 31.33 0.98
CA PRO C 78 -3.03 30.88 2.32
C PRO C 78 -1.65 31.38 2.73
N SER C 79 -1.48 31.56 4.04
CA SER C 79 -0.23 32.12 4.56
C SER C 79 0.94 31.14 4.49
N ARG C 80 0.71 29.86 4.15
CA ARG C 80 1.85 28.97 3.97
C ARG C 80 2.71 29.36 2.77
N PHE C 81 2.20 30.20 1.87
CA PHE C 81 2.95 30.65 0.71
C PHE C 81 3.67 31.95 1.05
N SER C 82 4.96 32.02 0.74
CA SER C 82 5.72 33.24 0.88
C SER C 82 6.71 33.39 -0.26
N GLY C 83 7.07 34.63 -0.56
CA GLY C 83 8.10 34.89 -1.54
C GLY C 83 9.17 35.79 -0.95
N SER C 84 10.37 35.66 -1.52
CA SER C 84 11.54 36.40 -1.05
C SER C 84 12.42 36.77 -2.23
N ARG C 85 13.18 37.86 -2.07
CA ARG C 85 14.11 38.30 -3.09
C ARG C 85 15.49 38.44 -2.45
N SER C 86 16.53 37.97 -3.15
CA SER C 86 17.91 38.29 -2.80
C SER C 86 18.66 38.64 -4.10
N GLY C 87 18.84 39.93 -4.34
CA GLY C 87 19.44 40.38 -5.60
C GLY C 87 18.56 40.01 -6.78
N THR C 88 19.04 39.13 -7.65
CA THR C 88 18.27 38.63 -8.77
C THR C 88 17.72 37.21 -8.54
N ASP C 89 17.93 36.65 -7.35
CA ASP C 89 17.38 35.33 -7.00
C ASP C 89 16.05 35.50 -6.28
N PHE C 90 15.01 34.82 -6.76
CA PHE C 90 13.70 34.88 -6.16
C PHE C 90 13.27 33.48 -5.77
N THR C 91 12.63 33.40 -4.62
CA THR C 91 12.25 32.11 -4.06
C THR C 91 10.78 32.12 -3.69
N LEU C 92 10.11 31.03 -4.01
CA LEU C 92 8.77 30.75 -3.53
C LEU C 92 8.90 29.63 -2.51
N THR C 93 8.35 29.83 -1.33
CA THR C 93 8.38 28.82 -0.29
C THR C 93 6.97 28.43 0.12
N ILE C 94 6.74 27.13 0.21
CA ILE C 94 5.52 26.58 0.80
C ILE C 94 5.95 26.00 2.14
N SER C 95 5.49 26.61 3.23
CA SER C 95 6.06 26.26 4.52
C SER C 95 5.63 24.88 4.99
N SER C 96 4.44 24.43 4.60
CA SER C 96 3.92 23.13 5.04
C SER C 96 3.00 22.60 3.92
N LEU C 97 3.57 21.78 3.06
CA LEU C 97 2.87 21.37 1.83
C LEU C 97 1.57 20.65 2.16
N GLN C 98 0.54 20.89 1.38
CA GLN C 98 -0.75 20.23 1.53
C GLN C 98 -1.10 19.49 0.24
N PRO C 99 -2.03 18.53 0.31
CA PRO C 99 -2.39 17.80 -0.93
C PRO C 99 -2.88 18.70 -2.03
N GLU C 100 -3.60 19.76 -1.70
CA GLU C 100 -4.14 20.65 -2.72
C GLU C 100 -3.08 21.50 -3.38
N ASP C 101 -1.83 21.42 -2.93
CA ASP C 101 -0.74 22.19 -3.51
C ASP C 101 -0.12 21.50 -4.72
N PHE C 102 -0.64 20.35 -5.12
CA PHE C 102 -0.22 19.77 -6.39
C PHE C 102 -0.51 20.78 -7.50
N ALA C 103 0.52 21.11 -8.27
CA ALA C 103 0.41 22.17 -9.26
C ALA C 103 1.75 22.33 -9.95
N THR C 104 1.74 23.13 -11.03
CA THR C 104 2.96 23.71 -11.57
C THR C 104 3.01 25.18 -11.17
N TYR C 105 4.19 25.62 -10.75
CA TYR C 105 4.43 26.97 -10.21
C TYR C 105 5.34 27.70 -11.17
N TYR C 106 5.01 28.98 -11.43
CA TYR C 106 5.72 29.79 -12.41
C TYR C 106 6.08 31.14 -11.78
N CYS C 107 7.33 31.56 -11.96
CA CYS C 107 7.71 32.95 -11.72
C CYS C 107 7.53 33.78 -13.00
N GLN C 108 7.40 35.10 -12.82
CA GLN C 108 7.22 35.99 -13.95
C GLN C 108 7.74 37.38 -13.59
N GLN C 109 8.52 37.97 -14.49
CA GLN C 109 9.04 39.33 -14.28
C GLN C 109 8.21 40.33 -15.08
N SER C 110 7.92 41.45 -14.46
CA SER C 110 7.16 42.54 -15.05
C SER C 110 7.96 43.84 -14.95
N TYR C 111 9.28 43.70 -14.87
CA TYR C 111 10.16 44.86 -14.84
C TYR C 111 10.35 45.48 -16.21
N SER C 112 10.34 44.68 -17.27
CA SER C 112 10.65 45.16 -18.60
C SER C 112 9.74 44.47 -19.60
N PHE C 113 9.32 45.21 -20.60
CA PHE C 113 8.68 44.57 -21.75
C PHE C 113 9.78 44.09 -22.71
N PRO C 114 9.70 42.87 -23.21
CA PRO C 114 8.62 41.88 -23.05
C PRO C 114 8.64 41.19 -21.70
N ASN C 115 7.48 41.04 -21.07
CA ASN C 115 7.41 40.23 -19.87
C ASN C 115 7.80 38.80 -20.22
N THR C 116 8.33 38.09 -19.22
CA THR C 116 8.81 36.72 -19.39
C THR C 116 8.52 35.88 -18.16
N PHE C 117 8.22 34.60 -18.40
CA PHE C 117 7.92 33.61 -17.39
C PHE C 117 9.09 32.64 -17.24
N GLY C 118 9.25 32.11 -16.02
CA GLY C 118 10.10 30.96 -15.80
C GLY C 118 9.49 29.72 -16.46
N GLN C 119 10.30 28.67 -16.57
CA GLN C 119 9.85 27.44 -17.25
C GLN C 119 8.90 26.61 -16.41
N GLY C 120 8.74 26.90 -15.13
CA GLY C 120 7.81 26.18 -14.28
C GLY C 120 8.47 25.07 -13.46
N THR C 121 7.88 24.79 -12.31
CA THR C 121 8.30 23.71 -11.41
C THR C 121 7.06 22.90 -11.09
N LYS C 122 7.08 21.62 -11.45
CA LYS C 122 5.97 20.72 -11.15
C LYS C 122 6.18 20.11 -9.77
N VAL C 123 5.20 20.28 -8.89
CA VAL C 123 5.27 19.83 -7.50
C VAL C 123 4.34 18.63 -7.35
N GLU C 124 4.91 17.49 -6.99
CA GLU C 124 4.14 16.29 -6.72
C GLU C 124 4.07 16.04 -5.22
N ILE C 125 2.92 15.53 -4.76
CA ILE C 125 2.71 15.17 -3.37
C ILE C 125 3.10 13.71 -3.18
N LYS C 126 4.04 13.46 -2.28
CA LYS C 126 4.51 12.10 -1.99
C LYS C 126 3.71 11.56 -0.81
N ARG C 127 2.95 10.48 -1.05
CA ARG C 127 2.07 9.89 -0.04
C ARG C 127 2.44 8.41 0.14
N THR C 128 1.65 7.71 0.95
CA THR C 128 1.89 6.29 1.16
C THR C 128 1.55 5.52 -0.11
N VAL C 129 2.18 4.35 -0.26
CA VAL C 129 1.92 3.50 -1.41
C VAL C 129 0.47 3.05 -1.38
N ALA C 130 -0.14 2.98 -2.56
CA ALA C 130 -1.54 2.59 -2.66
C ALA C 130 -1.72 1.78 -3.92
N ALA C 131 -2.11 0.51 -3.78
CA ALA C 131 -2.26 -0.35 -4.94
C ALA C 131 -3.47 0.07 -5.78
N PRO C 132 -3.40 -0.09 -7.09
CA PRO C 132 -4.55 0.21 -7.94
C PRO C 132 -5.62 -0.86 -7.84
N SER C 133 -6.86 -0.40 -7.98
CA SER C 133 -7.98 -1.29 -8.28
C SER C 133 -8.04 -1.43 -9.78
N VAL C 134 -8.06 -2.67 -10.27
CA VAL C 134 -7.92 -2.94 -11.70
C VAL C 134 -9.26 -3.43 -12.23
N PHE C 135 -9.68 -2.87 -13.36
CA PHE C 135 -10.90 -3.26 -14.05
C PHE C 135 -10.57 -3.48 -15.51
N ILE C 136 -11.32 -4.37 -16.15
CA ILE C 136 -11.14 -4.59 -17.59
C ILE C 136 -12.50 -4.46 -18.25
N PHE C 137 -12.51 -3.87 -19.44
CA PHE C 137 -13.73 -3.65 -20.20
C PHE C 137 -13.59 -4.30 -21.58
N PRO C 138 -14.48 -5.20 -21.97
CA PRO C 138 -14.45 -5.69 -23.36
C PRO C 138 -14.92 -4.60 -24.31
N PRO C 139 -14.61 -4.75 -25.60
CA PRO C 139 -15.17 -3.81 -26.58
C PRO C 139 -16.69 -3.94 -26.62
N SER C 140 -17.34 -2.84 -26.91
CA SER C 140 -18.79 -2.83 -27.02
C SER C 140 -19.21 -3.51 -28.32
N ASP C 141 -20.43 -4.06 -28.31
CA ASP C 141 -20.98 -4.60 -29.55
C ASP C 141 -21.11 -3.52 -30.60
N GLU C 142 -21.37 -2.27 -30.18
CA GLU C 142 -21.48 -1.18 -31.15
C GLU C 142 -20.15 -0.96 -31.86
N GLN C 143 -19.05 -0.92 -31.10
CA GLN C 143 -17.75 -0.78 -31.76
C GLN C 143 -17.49 -1.98 -32.68
N LEU C 144 -17.83 -3.18 -32.22
CA LEU C 144 -17.54 -4.37 -33.02
C LEU C 144 -18.27 -4.36 -34.35
N LYS C 145 -19.36 -3.61 -34.47
CA LYS C 145 -20.02 -3.50 -35.76
C LYS C 145 -19.09 -2.93 -36.81
N SER C 146 -18.15 -2.06 -36.41
CA SER C 146 -17.12 -1.61 -37.33
C SER C 146 -15.93 -2.55 -37.22
N GLY C 147 -14.80 -2.16 -37.78
CA GLY C 147 -13.72 -3.10 -37.95
C GLY C 147 -12.69 -3.11 -36.86
N THR C 148 -12.95 -2.44 -35.74
CA THR C 148 -11.94 -2.27 -34.72
C THR C 148 -12.48 -2.66 -33.35
N ALA C 149 -11.60 -3.21 -32.52
CA ALA C 149 -11.96 -3.67 -31.20
C ALA C 149 -10.99 -3.00 -30.22
N SER C 150 -11.53 -2.22 -29.28
CA SER C 150 -10.73 -1.62 -28.24
C SER C 150 -11.02 -2.31 -26.94
N VAL C 151 -9.97 -2.73 -26.24
CA VAL C 151 -10.11 -3.35 -24.92
C VAL C 151 -9.43 -2.40 -23.94
N VAL C 152 -10.10 -2.13 -22.82
CA VAL C 152 -9.62 -1.10 -21.90
C VAL C 152 -9.38 -1.69 -20.53
N CYS C 153 -8.22 -1.36 -19.95
CA CYS C 153 -7.84 -1.75 -18.61
C CYS C 153 -7.71 -0.47 -17.80
N LEU C 154 -8.42 -0.40 -16.68
CA LEU C 154 -8.45 0.78 -15.81
C LEU C 154 -7.72 0.44 -14.51
N LEU C 155 -6.72 1.28 -14.16
CA LEU C 155 -6.02 1.24 -12.86
C LEU C 155 -6.44 2.47 -12.07
N ASN C 156 -7.18 2.25 -10.98
CA ASN C 156 -7.87 3.33 -10.30
C ASN C 156 -7.21 3.62 -8.94
N ASN C 157 -6.85 4.88 -8.72
CA ASN C 157 -6.50 5.46 -7.42
C ASN C 157 -5.29 4.76 -6.79
N PHE C 158 -4.13 4.96 -7.43
CA PHE C 158 -2.91 4.35 -6.95
C PHE C 158 -1.82 5.39 -6.77
N TYR C 159 -0.77 5.02 -6.04
CA TYR C 159 0.42 5.82 -5.81
C TYR C 159 1.56 4.87 -5.50
N PRO C 160 2.77 5.07 -6.06
CA PRO C 160 3.20 6.19 -6.94
C PRO C 160 2.71 6.00 -8.38
N ARG C 161 3.09 6.93 -9.24
CA ARG C 161 2.56 6.95 -10.60
C ARG C 161 3.09 5.82 -11.47
N GLU C 162 4.30 5.34 -11.19
CA GLU C 162 4.88 4.27 -12.02
C GLU C 162 4.05 3.00 -11.87
N ALA C 163 3.62 2.46 -12.99
CA ALA C 163 2.82 1.25 -13.03
C ALA C 163 3.12 0.59 -14.37
N LYS C 164 3.09 -0.72 -14.39
CA LYS C 164 3.32 -1.48 -15.62
C LYS C 164 2.05 -2.23 -15.95
N VAL C 165 1.55 -2.01 -17.16
CA VAL C 165 0.41 -2.75 -17.70
C VAL C 165 0.88 -3.56 -18.90
N GLN C 166 0.62 -4.85 -18.89
CA GLN C 166 0.94 -5.74 -20.00
C GLN C 166 -0.33 -6.45 -20.45
N TRP C 167 -0.51 -6.53 -21.77
CA TRP C 167 -1.67 -7.17 -22.35
C TRP C 167 -1.29 -8.54 -22.88
N LYS C 168 -2.15 -9.52 -22.63
CA LYS C 168 -1.99 -10.86 -23.18
C LYS C 168 -3.29 -11.29 -23.84
N VAL C 169 -3.15 -11.90 -25.02
CA VAL C 169 -4.27 -12.43 -25.78
C VAL C 169 -3.99 -13.91 -25.96
N ASP C 170 -4.84 -14.75 -25.38
CA ASP C 170 -4.58 -16.20 -25.32
C ASP C 170 -3.17 -16.46 -24.79
N ASN C 171 -2.82 -15.75 -23.72
CA ASN C 171 -1.54 -15.85 -23.07
C ASN C 171 -0.36 -15.45 -23.96
N ALA C 172 -0.61 -14.78 -25.07
CA ALA C 172 0.46 -14.22 -25.91
C ALA C 172 0.66 -12.75 -25.53
N LEU C 173 1.87 -12.41 -25.09
CA LEU C 173 2.18 -11.02 -24.79
C LEU C 173 2.05 -10.12 -26.03
N GLN C 174 1.31 -9.04 -25.88
CA GLN C 174 1.08 -8.08 -26.96
C GLN C 174 2.17 -7.03 -26.99
N SER C 175 2.49 -6.57 -28.20
CA SER C 175 3.41 -5.46 -28.37
C SER C 175 2.93 -4.55 -29.51
N GLY C 176 3.21 -3.27 -29.36
CA GLY C 176 2.99 -2.31 -30.41
C GLY C 176 1.56 -1.85 -30.62
N ASN C 177 0.60 -2.34 -29.82
CA ASN C 177 -0.80 -2.13 -30.12
C ASN C 177 -1.59 -1.63 -28.91
N SER C 178 -0.92 -0.98 -27.96
CA SER C 178 -1.60 -0.39 -26.82
C SER C 178 -1.10 1.03 -26.58
N GLN C 179 -1.95 1.83 -25.94
CA GLN C 179 -1.57 3.16 -25.51
C GLN C 179 -2.15 3.43 -24.14
N GLU C 180 -1.42 4.26 -23.38
CA GLU C 180 -1.71 4.56 -21.99
C GLU C 180 -1.91 6.05 -21.79
N SER C 181 -2.82 6.40 -20.89
CA SER C 181 -3.00 7.74 -20.39
C SER C 181 -3.16 7.72 -18.86
N VAL C 182 -2.64 8.76 -18.20
CA VAL C 182 -2.68 8.85 -16.75
C VAL C 182 -3.32 10.18 -16.35
N THR C 183 -4.13 10.17 -15.30
CA THR C 183 -4.70 11.42 -14.85
C THR C 183 -3.64 12.21 -14.06
N GLU C 184 -3.91 13.47 -13.84
CA GLU C 184 -3.10 14.26 -12.94
C GLU C 184 -3.38 13.83 -11.51
N GLN C 185 -2.43 14.12 -10.65
CA GLN C 185 -2.56 13.76 -9.26
C GLN C 185 -3.83 14.34 -8.65
N ASP C 186 -4.56 13.53 -7.90
CA ASP C 186 -5.77 14.02 -7.26
C ASP C 186 -5.42 15.02 -6.17
N SER C 187 -6.13 16.15 -6.14
CA SER C 187 -5.82 17.23 -5.21
C SER C 187 -6.28 16.96 -3.79
N LYS C 188 -6.98 15.84 -3.54
CA LYS C 188 -7.43 15.49 -2.20
C LYS C 188 -6.77 14.24 -1.64
N ASP C 189 -6.67 13.14 -2.40
CA ASP C 189 -6.02 11.92 -1.90
C ASP C 189 -4.71 11.60 -2.59
N SER C 190 -4.21 12.49 -3.46
CA SER C 190 -2.87 12.41 -4.03
C SER C 190 -2.61 11.14 -4.83
N THR C 191 -3.66 10.53 -5.39
CA THR C 191 -3.53 9.32 -6.18
C THR C 191 -3.64 9.61 -7.67
N TYR C 192 -3.27 8.62 -8.47
CA TYR C 192 -3.38 8.63 -9.92
C TYR C 192 -4.34 7.55 -10.37
N SER C 193 -4.90 7.73 -11.58
CA SER C 193 -5.58 6.67 -12.28
C SER C 193 -4.99 6.54 -13.68
N LEU C 194 -5.15 5.38 -14.28
CA LEU C 194 -4.45 5.12 -15.52
C LEU C 194 -5.36 4.25 -16.37
N SER C 195 -5.43 4.58 -17.66
CA SER C 195 -6.20 3.81 -18.63
C SER C 195 -5.23 3.27 -19.67
N SER C 196 -5.31 1.97 -19.95
CA SER C 196 -4.57 1.36 -21.02
C SER C 196 -5.58 0.81 -22.04
N THR C 197 -5.35 1.09 -23.32
CA THR C 197 -6.24 0.67 -24.39
C THR C 197 -5.47 -0.21 -25.34
N LEU C 198 -5.93 -1.43 -25.51
CA LEU C 198 -5.41 -2.35 -26.50
C LEU C 198 -6.31 -2.27 -27.74
N THR C 199 -5.71 -2.02 -28.90
CA THR C 199 -6.47 -1.86 -30.14
C THR C 199 -6.17 -3.03 -31.09
N LEU C 200 -7.21 -3.76 -31.47
CA LEU C 200 -7.08 -4.87 -32.39
C LEU C 200 -8.07 -4.69 -33.54
N SER C 201 -7.80 -5.34 -34.66
CA SER C 201 -8.82 -5.48 -35.67
C SER C 201 -9.92 -6.38 -35.11
N LYS C 202 -11.16 -6.14 -35.57
CA LYS C 202 -12.23 -7.05 -35.19
C LYS C 202 -11.87 -8.49 -35.52
N ALA C 203 -11.24 -8.73 -36.69
CA ALA C 203 -10.88 -10.10 -37.06
C ALA C 203 -10.00 -10.73 -36.00
N ASP C 204 -8.98 -10.01 -35.54
CA ASP C 204 -8.10 -10.57 -34.52
C ASP C 204 -8.83 -10.78 -33.19
N TYR C 205 -9.72 -9.85 -32.82
CA TYR C 205 -10.48 -10.03 -31.59
C TYR C 205 -11.37 -11.28 -31.68
N GLU C 206 -11.99 -11.50 -32.83
CA GLU C 206 -12.87 -12.66 -33.00
C GLU C 206 -12.11 -13.98 -33.03
N LYS C 207 -10.83 -13.96 -33.37
CA LYS C 207 -10.05 -15.20 -33.53
C LYS C 207 -9.42 -15.68 -32.23
N HIS C 208 -9.59 -14.96 -31.12
CA HIS C 208 -8.99 -15.34 -29.85
C HIS C 208 -10.01 -15.25 -28.74
N LYS C 209 -9.68 -15.84 -27.59
CA LYS C 209 -10.65 -16.07 -26.53
C LYS C 209 -10.35 -15.29 -25.26
N VAL C 210 -9.14 -15.41 -24.72
CA VAL C 210 -8.82 -14.86 -23.39
C VAL C 210 -8.10 -13.54 -23.56
N TYR C 211 -8.64 -12.50 -22.92
CA TYR C 211 -8.06 -11.15 -22.93
C TYR C 211 -7.73 -10.77 -21.49
N ALA C 212 -6.48 -10.43 -21.26
CA ALA C 212 -5.98 -10.21 -19.90
C ALA C 212 -5.05 -9.02 -19.86
N CYS C 213 -5.20 -8.20 -18.82
CA CYS C 213 -4.26 -7.13 -18.55
CA CYS C 213 -4.30 -7.10 -18.52
C CYS C 213 -3.59 -7.45 -17.22
N GLU C 214 -2.26 -7.53 -17.26
CA GLU C 214 -1.45 -7.87 -16.11
C GLU C 214 -0.80 -6.59 -15.58
N VAL C 215 -1.00 -6.31 -14.31
CA VAL C 215 -0.60 -5.05 -13.69
C VAL C 215 0.47 -5.32 -12.64
N THR C 216 1.54 -4.55 -12.69
CA THR C 216 2.64 -4.58 -11.74
C THR C 216 2.75 -3.19 -11.12
N HIS C 217 2.86 -3.14 -9.78
CA HIS C 217 2.86 -1.87 -9.06
C HIS C 217 3.48 -2.08 -7.69
N GLN C 218 4.11 -1.03 -7.18
CA GLN C 218 4.78 -1.16 -5.90
C GLN C 218 3.81 -1.57 -4.79
N GLY C 219 2.52 -1.24 -4.92
CA GLY C 219 1.52 -1.59 -3.94
C GLY C 219 1.04 -3.03 -3.99
N LEU C 220 1.41 -3.74 -5.04
CA LEU C 220 0.96 -5.10 -5.27
C LEU C 220 2.11 -6.05 -4.95
N SER C 221 1.82 -7.04 -4.12
CA SER C 221 2.81 -8.04 -3.74
C SER C 221 3.05 -9.06 -4.83
N SER C 222 2.08 -9.25 -5.72
CA SER C 222 2.28 -10.01 -6.94
C SER C 222 1.44 -9.32 -8.03
N PRO C 223 1.79 -9.52 -9.30
CA PRO C 223 1.03 -8.88 -10.37
C PRO C 223 -0.43 -9.32 -10.35
N VAL C 224 -1.32 -8.38 -10.60
CA VAL C 224 -2.76 -8.60 -10.64
C VAL C 224 -3.19 -8.75 -12.09
N THR C 225 -3.93 -9.82 -12.38
CA THR C 225 -4.44 -10.04 -13.73
C THR C 225 -5.95 -9.97 -13.71
N LYS C 226 -6.52 -9.13 -14.57
CA LYS C 226 -7.96 -9.09 -14.82
C LYS C 226 -8.20 -9.53 -16.26
N SER C 227 -9.11 -10.49 -16.44
CA SER C 227 -9.27 -11.07 -17.75
C SER C 227 -10.73 -11.41 -17.98
N PHE C 228 -11.07 -11.58 -19.26
CA PHE C 228 -12.39 -12.06 -19.63
C PHE C 228 -12.27 -12.94 -20.85
N ASN C 229 -13.29 -13.77 -21.05
CA ASN C 229 -13.42 -14.59 -22.25
C ASN C 229 -14.44 -13.94 -23.17
N ARG C 230 -14.05 -13.69 -24.42
CA ARG C 230 -14.99 -13.19 -25.41
C ARG C 230 -16.18 -14.13 -25.46
N GLY C 231 -17.32 -13.71 -24.90
CA GLY C 231 -18.48 -14.58 -24.78
C GLY C 231 -18.60 -15.25 -23.41
N GLU D 20 -18.62 40.00 -9.92
CA GLU D 20 -17.66 38.94 -10.17
C GLU D 20 -16.87 39.25 -11.44
N VAL D 21 -15.55 39.31 -11.30
CA VAL D 21 -14.68 39.52 -12.45
C VAL D 21 -14.65 38.25 -13.29
N GLN D 22 -14.83 38.41 -14.60
CA GLN D 22 -14.77 37.31 -15.55
C GLN D 22 -14.01 37.74 -16.79
N LEU D 23 -13.25 36.81 -17.36
CA LEU D 23 -12.59 36.96 -18.65
C LEU D 23 -12.91 35.71 -19.46
N VAL D 24 -13.49 35.89 -20.63
CA VAL D 24 -13.93 34.78 -21.47
C VAL D 24 -13.26 34.90 -22.83
N GLU D 25 -12.35 33.98 -23.12
CA GLU D 25 -11.73 33.92 -24.43
C GLU D 25 -12.64 33.21 -25.42
N SER D 26 -12.59 33.63 -26.67
CA SER D 26 -13.29 32.93 -27.74
C SER D 26 -12.54 33.11 -29.05
N GLY D 27 -12.95 32.33 -30.05
CA GLY D 27 -12.38 32.40 -31.37
C GLY D 27 -11.35 31.34 -31.69
N GLY D 28 -11.02 30.47 -30.74
CA GLY D 28 -10.04 29.43 -30.98
C GLY D 28 -10.59 28.32 -31.89
N GLY D 29 -9.68 27.49 -32.34
CA GLY D 29 -10.03 26.34 -33.13
C GLY D 29 -8.89 25.98 -34.07
N LEU D 30 -9.26 25.23 -35.08
CA LEU D 30 -8.32 24.74 -36.09
C LEU D 30 -8.07 25.79 -37.16
N VAL D 31 -6.80 26.00 -37.49
CA VAL D 31 -6.41 26.95 -38.53
C VAL D 31 -5.25 26.37 -39.33
N GLN D 32 -5.27 26.58 -40.63
CA GLN D 32 -4.24 26.04 -41.49
C GLN D 32 -2.95 26.84 -41.30
N PRO D 33 -1.78 26.18 -41.38
CA PRO D 33 -0.53 26.94 -41.36
C PRO D 33 -0.56 28.05 -42.40
N GLY D 34 0.00 29.21 -42.02
CA GLY D 34 -0.07 30.39 -42.86
C GLY D 34 -1.36 31.15 -42.75
N GLY D 35 -2.37 30.58 -42.09
CA GLY D 35 -3.65 31.24 -41.94
C GLY D 35 -3.63 32.28 -40.83
N SER D 36 -4.78 32.94 -40.68
CA SER D 36 -4.96 33.98 -39.70
CA SER D 36 -4.97 34.01 -39.73
C SER D 36 -6.18 33.68 -38.86
N LEU D 37 -6.22 34.26 -37.66
CA LEU D 37 -7.29 33.99 -36.73
C LEU D 37 -7.29 35.12 -35.71
N ARG D 38 -8.48 35.57 -35.32
CA ARG D 38 -8.59 36.59 -34.27
C ARG D 38 -9.25 35.99 -33.01
N LEU D 39 -8.58 36.13 -31.89
CA LEU D 39 -9.13 35.78 -30.58
C LEU D 39 -9.79 37.00 -29.94
N SER D 40 -10.83 36.74 -29.19
CA SER D 40 -11.52 37.75 -28.39
C SER D 40 -11.46 37.37 -26.91
N CYS D 41 -11.32 38.39 -26.06
CA CYS D 41 -11.35 38.26 -24.60
C CYS D 41 -12.43 39.22 -24.11
N ALA D 42 -13.60 38.70 -23.79
CA ALA D 42 -14.71 39.51 -23.29
C ALA D 42 -14.63 39.62 -21.77
N ALA D 43 -14.50 40.84 -21.28
CA ALA D 43 -14.44 41.07 -19.84
C ALA D 43 -15.81 41.41 -19.29
N SER D 44 -16.04 41.04 -18.04
CA SER D 44 -17.21 41.49 -17.30
C SER D 44 -16.84 41.63 -15.82
N GLY D 45 -17.65 42.41 -15.11
CA GLY D 45 -17.38 42.67 -13.73
C GLY D 45 -16.37 43.77 -13.51
N PHE D 46 -15.71 44.21 -14.56
CA PHE D 46 -14.77 45.32 -14.51
C PHE D 46 -14.63 45.84 -15.93
N TYR D 47 -13.97 47.00 -16.06
CA TYR D 47 -13.76 47.64 -17.35
C TYR D 47 -12.29 47.59 -17.71
N ILE D 48 -12.00 47.09 -18.92
CA ILE D 48 -10.63 47.02 -19.36
C ILE D 48 -10.03 48.41 -19.60
N SER D 49 -10.87 49.44 -19.74
CA SER D 49 -10.31 50.78 -19.92
CA SER D 49 -10.35 50.80 -19.90
C SER D 49 -9.37 51.18 -18.80
N TYR D 50 -9.49 50.56 -17.63
CA TYR D 50 -8.72 50.94 -16.46
C TYR D 50 -7.65 49.94 -16.05
N SER D 51 -7.45 48.87 -16.81
CA SER D 51 -6.48 47.85 -16.52
C SER D 51 -5.63 47.56 -17.75
N SER D 52 -4.40 47.08 -17.52
CA SER D 52 -3.65 46.42 -18.59
C SER D 52 -4.18 45.02 -18.82
N ILE D 53 -4.27 44.62 -20.08
CA ILE D 53 -4.73 43.30 -20.48
C ILE D 53 -3.59 42.60 -21.20
N HIS D 54 -3.37 41.32 -20.84
CA HIS D 54 -2.29 40.54 -21.39
C HIS D 54 -2.82 39.27 -22.03
N TRP D 55 -2.13 38.83 -23.07
CA TRP D 55 -2.32 37.51 -23.68
C TRP D 55 -1.10 36.66 -23.34
N VAL D 56 -1.36 35.44 -22.87
CA VAL D 56 -0.34 34.49 -22.48
C VAL D 56 -0.74 33.14 -23.07
N ARG D 57 0.21 32.42 -23.63
CA ARG D 57 -0.14 31.15 -24.27
C ARG D 57 0.65 30.01 -23.65
N GLN D 58 0.14 28.80 -23.84
CA GLN D 58 0.72 27.60 -23.24
C GLN D 58 0.57 26.47 -24.24
N ALA D 59 1.66 26.08 -24.88
CA ALA D 59 1.62 24.93 -25.76
C ALA D 59 1.34 23.68 -24.95
N PRO D 60 0.71 22.65 -25.56
CA PRO D 60 0.35 21.45 -24.79
C PRO D 60 1.53 20.84 -24.05
N GLY D 61 1.39 20.67 -22.73
CA GLY D 61 2.44 20.09 -21.91
C GLY D 61 3.61 21.01 -21.59
N LYS D 62 3.58 22.24 -22.02
CA LYS D 62 4.72 23.15 -21.88
C LYS D 62 4.38 24.30 -20.94
N GLY D 63 5.27 25.30 -20.89
CA GLY D 63 5.12 26.39 -19.95
C GLY D 63 4.35 27.58 -20.50
N LEU D 64 4.05 28.50 -19.60
CA LEU D 64 3.42 29.76 -19.95
C LEU D 64 4.38 30.64 -20.75
N GLU D 65 3.87 31.25 -21.81
CA GLU D 65 4.66 32.15 -22.64
C GLU D 65 3.91 33.46 -22.85
N TRP D 66 4.52 34.56 -22.39
CA TRP D 66 3.93 35.88 -22.60
C TRP D 66 3.89 36.22 -24.09
N VAL D 67 2.76 36.79 -24.54
CA VAL D 67 2.54 37.07 -25.96
C VAL D 67 2.46 38.59 -26.21
N ALA D 68 1.51 39.27 -25.58
CA ALA D 68 1.29 40.68 -25.86
C ALA D 68 0.50 41.33 -24.73
N SER D 69 0.50 42.67 -24.72
CA SER D 69 -0.30 43.38 -23.75
C SER D 69 -0.68 44.77 -24.28
N ILE D 70 -1.71 45.34 -23.65
CA ILE D 70 -2.16 46.69 -23.99
C ILE D 70 -2.42 47.43 -22.69
N SER D 71 -1.92 48.66 -22.61
CA SER D 71 -1.91 49.50 -21.41
C SER D 71 -3.11 50.43 -21.39
N PRO D 72 -3.64 50.72 -20.21
CA PRO D 72 -4.79 51.62 -20.12
C PRO D 72 -4.36 53.07 -20.33
N TYR D 73 -5.34 53.90 -20.72
CA TYR D 73 -5.21 55.36 -20.85
C TYR D 73 -4.37 55.78 -22.05
N SER D 74 -3.24 55.13 -22.28
CA SER D 74 -2.42 55.39 -23.46
C SER D 74 -2.83 54.51 -24.63
N GLY D 75 -3.23 53.26 -24.36
CA GLY D 75 -3.39 52.28 -25.41
C GLY D 75 -2.09 51.78 -26.00
N SER D 76 -0.96 52.00 -25.33
CA SER D 76 0.31 51.46 -25.80
C SER D 76 0.24 49.94 -25.85
N THR D 77 0.94 49.36 -26.80
CA THR D 77 0.94 47.91 -27.00
C THR D 77 2.37 47.39 -27.00
N TYR D 78 2.52 46.15 -26.52
CA TYR D 78 3.82 45.51 -26.42
C TYR D 78 3.69 44.04 -26.83
N TYR D 79 4.78 43.51 -27.40
CA TYR D 79 4.77 42.18 -28.00
C TYR D 79 6.01 41.37 -27.66
N ALA D 80 5.84 40.05 -27.54
CA ALA D 80 7.01 39.19 -27.44
C ALA D 80 7.69 39.14 -28.80
N ASP D 81 9.00 38.90 -28.80
CA ASP D 81 9.74 38.88 -30.06
C ASP D 81 9.28 37.78 -31.00
N SER D 82 8.82 36.65 -30.47
CA SER D 82 8.37 35.56 -31.34
C SER D 82 7.10 35.88 -32.12
N VAL D 83 6.37 36.96 -31.78
CA VAL D 83 5.13 37.26 -32.46
C VAL D 83 5.12 38.67 -33.06
N LYS D 84 6.12 39.49 -32.76
CA LYS D 84 6.15 40.84 -33.29
C LYS D 84 6.07 40.82 -34.80
N GLY D 85 5.24 41.68 -35.36
CA GLY D 85 5.03 41.75 -36.80
C GLY D 85 3.94 40.85 -37.32
N ARG D 86 3.53 39.83 -36.56
CA ARG D 86 2.49 38.90 -36.98
C ARG D 86 1.22 39.02 -36.17
N PHE D 87 1.31 39.37 -34.89
CA PHE D 87 0.15 39.46 -34.02
C PHE D 87 -0.12 40.94 -33.75
N THR D 88 -1.39 41.26 -33.51
CA THR D 88 -1.78 42.62 -33.16
C THR D 88 -2.83 42.57 -32.07
N ILE D 89 -2.53 43.21 -30.94
CA ILE D 89 -3.47 43.28 -29.83
C ILE D 89 -4.21 44.60 -29.94
N SER D 90 -5.48 44.60 -29.56
CA SER D 90 -6.29 45.81 -29.60
C SER D 90 -7.40 45.66 -28.56
N ALA D 91 -8.14 46.73 -28.34
CA ALA D 91 -9.23 46.73 -27.38
C ALA D 91 -10.34 47.65 -27.85
N ASP D 92 -11.57 47.29 -27.51
CA ASP D 92 -12.75 48.09 -27.77
C ASP D 92 -13.42 48.34 -26.42
N THR D 93 -13.31 49.58 -25.90
CA THR D 93 -13.81 49.82 -24.57
C THR D 93 -15.32 49.77 -24.50
N SER D 94 -16.01 50.20 -25.55
CA SER D 94 -17.47 50.12 -25.54
C SER D 94 -17.93 48.66 -25.44
N LYS D 95 -17.28 47.77 -26.15
CA LYS D 95 -17.60 46.34 -26.05
C LYS D 95 -16.92 45.67 -24.86
N ASN D 96 -16.01 46.36 -24.19
CA ASN D 96 -15.29 45.84 -23.04
C ASN D 96 -14.64 44.51 -23.39
N THR D 97 -13.94 44.52 -24.50
CA THR D 97 -13.38 43.31 -25.10
C THR D 97 -12.00 43.64 -25.64
N ALA D 98 -11.07 42.72 -25.44
CA ALA D 98 -9.74 42.77 -26.03
C ALA D 98 -9.62 41.70 -27.11
N TYR D 99 -8.69 41.94 -28.04
CA TYR D 99 -8.58 41.12 -29.24
C TYR D 99 -7.10 40.78 -29.45
N LEU D 100 -6.87 39.63 -30.08
CA LEU D 100 -5.53 39.26 -30.52
C LEU D 100 -5.68 38.77 -31.96
N GLN D 101 -5.22 39.59 -32.90
CA GLN D 101 -5.24 39.24 -34.31
C GLN D 101 -3.94 38.50 -34.63
N MET D 102 -4.04 37.28 -35.11
CA MET D 102 -2.89 36.41 -35.34
C MET D 102 -2.80 36.10 -36.82
N ASN D 103 -1.66 36.43 -37.43
CA ASN D 103 -1.43 36.23 -38.85
C ASN D 103 -0.22 35.33 -39.04
N SER D 104 -0.12 34.75 -40.24
CA SER D 104 0.97 33.85 -40.59
C SER D 104 1.23 32.81 -39.50
N LEU D 105 0.17 32.11 -39.11
CA LEU D 105 0.28 31.12 -38.04
C LEU D 105 1.14 29.95 -38.46
N ARG D 106 1.90 29.40 -37.51
CA ARG D 106 2.71 28.20 -37.75
C ARG D 106 2.42 27.19 -36.66
N ALA D 107 2.90 25.95 -36.87
CA ALA D 107 2.66 24.89 -35.91
C ALA D 107 3.15 25.31 -34.53
N GLU D 108 4.21 26.11 -34.48
CA GLU D 108 4.79 26.59 -33.22
C GLU D 108 3.85 27.50 -32.45
N ASP D 109 2.78 27.98 -33.06
CA ASP D 109 1.80 28.82 -32.39
C ASP D 109 0.64 28.03 -31.80
N THR D 110 0.61 26.71 -31.99
CA THR D 110 -0.40 25.88 -31.36
C THR D 110 -0.30 25.99 -29.84
N ALA D 111 -1.40 26.37 -29.20
CA ALA D 111 -1.38 26.63 -27.77
C ALA D 111 -2.78 26.96 -27.26
N VAL D 112 -2.95 26.81 -25.93
CA VAL D 112 -4.06 27.43 -25.23
C VAL D 112 -3.69 28.90 -25.03
N TYR D 113 -4.57 29.80 -25.47
CA TYR D 113 -4.33 31.24 -25.35
C TYR D 113 -5.19 31.78 -24.23
N TYR D 114 -4.53 32.34 -23.20
CA TYR D 114 -5.19 32.91 -22.07
C TYR D 114 -5.17 34.43 -22.19
N CYS D 115 -6.23 35.06 -21.77
CA CYS D 115 -6.27 36.49 -21.51
CA CYS D 115 -6.20 36.49 -21.51
C CYS D 115 -6.23 36.71 -20.00
N ALA D 116 -5.41 37.62 -19.54
CA ALA D 116 -5.24 37.86 -18.12
C ALA D 116 -5.32 39.36 -17.85
N ARG D 117 -5.90 39.71 -16.72
CA ARG D 117 -5.92 41.09 -16.25
C ARG D 117 -4.72 41.31 -15.35
N GLN D 118 -3.90 42.30 -15.68
CA GLN D 118 -2.99 42.86 -14.69
C GLN D 118 -3.80 43.64 -13.67
N GLY D 119 -3.62 43.32 -12.39
CA GLY D 119 -4.44 43.86 -11.34
C GLY D 119 -4.13 45.32 -11.03
N TYR D 120 -4.74 45.80 -9.95
CA TYR D 120 -4.55 47.21 -9.54
C TYR D 120 -3.24 47.38 -8.76
N ARG D 121 -2.50 48.42 -9.14
CA ARG D 121 -1.14 48.60 -8.67
C ARG D 121 -1.06 48.60 -7.16
N ARG D 122 -2.01 49.27 -6.50
CA ARG D 122 -1.97 49.40 -5.04
C ARG D 122 -2.30 48.08 -4.37
N ARG D 123 -3.05 47.22 -5.04
CA ARG D 123 -3.51 45.97 -4.44
C ARG D 123 -2.62 44.79 -4.76
N SER D 124 -2.03 44.73 -5.97
CA SER D 124 -1.24 43.56 -6.35
C SER D 124 -0.10 43.91 -7.30
N GLY D 125 0.39 45.14 -7.26
CA GLY D 125 1.53 45.49 -8.08
C GLY D 125 1.22 45.29 -9.55
N ARG D 126 2.15 44.67 -10.26
CA ARG D 126 1.96 44.30 -11.65
C ARG D 126 1.57 42.82 -11.83
N GLY D 127 1.19 42.11 -10.78
CA GLY D 127 0.76 40.73 -10.94
C GLY D 127 -0.49 40.63 -11.80
N PHE D 128 -0.62 39.50 -12.50
CA PHE D 128 -1.83 39.21 -13.27
C PHE D 128 -2.81 38.51 -12.32
N ASP D 129 -3.85 39.23 -11.90
CA ASP D 129 -4.65 38.76 -10.78
C ASP D 129 -5.87 37.98 -11.17
N TYR D 130 -6.30 38.03 -12.43
CA TYR D 130 -7.42 37.22 -12.91
C TYR D 130 -7.08 36.71 -14.31
N TRP D 131 -7.29 35.42 -14.53
CA TRP D 131 -7.03 34.78 -15.81
C TRP D 131 -8.30 34.11 -16.32
N GLY D 132 -8.50 34.16 -17.64
CA GLY D 132 -9.57 33.44 -18.26
C GLY D 132 -9.24 31.97 -18.39
N GLN D 133 -10.23 31.21 -18.84
CA GLN D 133 -10.09 29.75 -18.93
C GLN D 133 -9.22 29.31 -20.10
N GLY D 134 -8.97 30.19 -21.07
CA GLY D 134 -8.13 29.84 -22.20
C GLY D 134 -8.93 29.21 -23.32
N THR D 135 -8.42 29.38 -24.55
CA THR D 135 -9.03 28.80 -25.74
C THR D 135 -7.92 28.21 -26.59
N LEU D 136 -8.11 26.96 -27.01
CA LEU D 136 -7.10 26.25 -27.78
C LEU D 136 -7.08 26.69 -29.23
N VAL D 137 -5.88 26.99 -29.73
CA VAL D 137 -5.65 27.23 -31.15
C VAL D 137 -4.76 26.11 -31.65
N THR D 138 -5.22 25.41 -32.67
CA THR D 138 -4.46 24.30 -33.27
C THR D 138 -4.12 24.69 -34.69
N VAL D 139 -2.82 24.75 -34.99
CA VAL D 139 -2.34 25.10 -36.32
C VAL D 139 -1.91 23.80 -36.99
N SER D 140 -2.73 23.32 -37.93
CA SER D 140 -2.48 22.05 -38.58
C SER D 140 -3.22 22.00 -39.91
N SER D 141 -2.71 21.17 -40.82
CA SER D 141 -3.35 20.97 -42.12
C SER D 141 -4.38 19.85 -42.09
N ALA D 142 -4.50 19.15 -40.97
CA ALA D 142 -5.41 18.01 -40.87
C ALA D 142 -6.86 18.49 -40.86
N SER D 143 -7.76 17.59 -41.25
CA SER D 143 -9.17 17.91 -41.32
C SER D 143 -9.86 17.62 -39.99
N THR D 144 -10.88 18.42 -39.70
CA THR D 144 -11.73 18.17 -38.54
C THR D 144 -12.43 16.82 -38.68
N LYS D 145 -12.57 16.12 -37.56
CA LYS D 145 -13.26 14.83 -37.56
C LYS D 145 -13.92 14.63 -36.21
N GLY D 146 -15.21 14.31 -36.23
CA GLY D 146 -15.97 14.11 -35.02
C GLY D 146 -15.75 12.72 -34.44
N PRO D 147 -15.94 12.58 -33.13
CA PRO D 147 -15.64 11.30 -32.47
C PRO D 147 -16.77 10.29 -32.58
N SER D 148 -16.40 9.02 -32.38
CA SER D 148 -17.34 7.95 -32.08
C SER D 148 -17.32 7.70 -30.58
N VAL D 149 -18.47 7.44 -29.98
CA VAL D 149 -18.58 7.27 -28.53
C VAL D 149 -19.09 5.88 -28.23
N PHE D 150 -18.33 5.11 -27.47
CA PHE D 150 -18.64 3.72 -27.18
C PHE D 150 -18.75 3.50 -25.67
N PRO D 151 -19.69 2.68 -25.21
CA PRO D 151 -19.80 2.45 -23.78
C PRO D 151 -18.75 1.49 -23.26
N LEU D 152 -18.29 1.76 -22.04
CA LEU D 152 -17.47 0.85 -21.24
C LEU D 152 -18.40 0.31 -20.15
N ALA D 153 -18.97 -0.86 -20.39
CA ALA D 153 -20.10 -1.31 -19.59
C ALA D 153 -19.64 -1.86 -18.25
N PRO D 154 -20.39 -1.64 -17.18
CA PRO D 154 -20.06 -2.30 -15.92
C PRO D 154 -20.33 -3.79 -16.01
N SER D 155 -19.56 -4.54 -15.24
CA SER D 155 -19.76 -5.99 -15.21
C SER D 155 -19.11 -6.56 -13.96
N SER D 156 -19.10 -7.88 -13.87
CA SER D 156 -18.37 -8.61 -12.83
C SER D 156 -16.88 -8.29 -12.90
N GLY D 162 -18.24 -4.53 -4.07
CA GLY D 162 -18.90 -3.33 -3.56
C GLY D 162 -19.07 -2.22 -4.59
N THR D 163 -17.99 -1.87 -5.30
CA THR D 163 -18.00 -0.77 -6.25
C THR D 163 -17.95 -1.30 -7.67
N ALA D 164 -18.55 -0.53 -8.59
CA ALA D 164 -18.50 -0.86 -10.01
C ALA D 164 -17.98 0.33 -10.80
N ALA D 165 -17.17 0.04 -11.81
CA ALA D 165 -16.66 1.06 -12.72
C ALA D 165 -17.36 0.95 -14.07
N LEU D 166 -17.63 2.09 -14.69
CA LEU D 166 -18.14 2.15 -16.03
C LEU D 166 -17.58 3.43 -16.67
N GLY D 167 -17.78 3.58 -17.97
CA GLY D 167 -17.25 4.75 -18.63
C GLY D 167 -17.64 4.81 -20.09
N CYS D 168 -17.05 5.76 -20.79
CA CYS D 168 -17.21 5.88 -22.24
CA CYS D 168 -17.24 5.80 -22.27
C CYS D 168 -15.91 6.14 -22.99
N LEU D 169 -15.74 5.52 -24.13
CA LEU D 169 -14.56 5.65 -24.96
C LEU D 169 -14.93 6.62 -26.07
N VAL D 170 -14.16 7.69 -26.20
CA VAL D 170 -14.35 8.75 -27.16
C VAL D 170 -13.21 8.65 -28.17
N LYS D 171 -13.50 8.11 -29.34
CA LYS D 171 -12.47 7.60 -30.25
C LYS D 171 -12.49 8.33 -31.58
N ASP D 172 -11.29 8.60 -32.11
CA ASP D 172 -11.05 8.97 -33.50
C ASP D 172 -11.58 10.36 -33.84
N TYR D 173 -11.07 11.39 -33.18
CA TYR D 173 -11.49 12.76 -33.42
C TYR D 173 -10.28 13.66 -33.61
N PHE D 174 -10.54 14.83 -34.20
CA PHE D 174 -9.50 15.83 -34.42
C PHE D 174 -10.18 17.16 -34.75
N PRO D 175 -9.66 18.30 -34.24
CA PRO D 175 -8.59 18.45 -33.26
C PRO D 175 -9.09 18.27 -31.84
N GLU D 176 -8.22 18.46 -30.85
CA GLU D 176 -8.70 18.68 -29.50
C GLU D 176 -9.49 20.00 -29.46
N PRO D 177 -10.33 20.18 -28.44
CA PRO D 177 -10.64 19.28 -27.34
C PRO D 177 -12.03 18.68 -27.40
N VAL D 178 -12.30 17.73 -26.50
CA VAL D 178 -13.65 17.27 -26.22
C VAL D 178 -13.93 17.49 -24.74
N THR D 179 -15.19 17.77 -24.44
CA THR D 179 -15.66 17.83 -23.06
C THR D 179 -16.56 16.63 -22.83
N VAL D 180 -16.36 15.97 -21.71
CA VAL D 180 -17.17 14.83 -21.28
C VAL D 180 -17.78 15.18 -19.93
N SER D 181 -19.07 14.97 -19.81
CA SER D 181 -19.75 15.06 -18.53
C SER D 181 -20.60 13.80 -18.38
N TRP D 182 -21.05 13.56 -17.15
CA TRP D 182 -21.88 12.42 -16.84
C TRP D 182 -23.22 12.88 -16.28
N ASN D 183 -24.27 12.25 -16.78
CA ASN D 183 -25.64 12.60 -16.37
C ASN D 183 -25.82 14.11 -16.38
N SER D 184 -25.33 14.73 -17.46
CA SER D 184 -25.48 16.17 -17.69
C SER D 184 -24.92 16.98 -16.52
N GLY D 185 -23.83 16.49 -15.93
CA GLY D 185 -23.12 17.23 -14.91
C GLY D 185 -23.61 16.99 -13.51
N ALA D 186 -24.67 16.20 -13.34
CA ALA D 186 -25.12 15.84 -12.02
C ALA D 186 -24.10 14.97 -11.31
N LEU D 187 -23.28 14.25 -12.05
CA LEU D 187 -22.38 13.23 -11.52
C LEU D 187 -20.94 13.66 -11.77
N THR D 188 -20.24 14.06 -10.69
CA THR D 188 -18.83 14.42 -10.77
C THR D 188 -17.95 13.60 -9.85
N SER D 189 -18.47 13.15 -8.71
CA SER D 189 -17.67 12.36 -7.78
C SER D 189 -17.27 11.03 -8.42
N GLY D 190 -16.00 10.69 -8.30
CA GLY D 190 -15.55 9.43 -8.83
C GLY D 190 -15.24 9.43 -10.30
N VAL D 191 -15.36 10.57 -10.97
CA VAL D 191 -15.14 10.65 -12.41
C VAL D 191 -13.67 10.86 -12.69
N HIS D 192 -13.12 10.10 -13.65
CA HIS D 192 -11.78 10.34 -14.17
C HIS D 192 -11.86 10.39 -15.69
N THR D 193 -11.62 11.57 -16.26
CA THR D 193 -11.54 11.75 -17.69
C THR D 193 -10.07 11.91 -18.07
N PHE D 194 -9.58 10.96 -18.80
CA PHE D 194 -8.15 10.84 -19.04
C PHE D 194 -7.70 11.77 -20.15
N PRO D 195 -6.43 12.20 -20.11
CA PRO D 195 -5.89 12.97 -21.24
C PRO D 195 -6.00 12.19 -22.54
N ALA D 196 -6.25 12.92 -23.62
CA ALA D 196 -6.30 12.28 -24.92
C ALA D 196 -4.92 11.78 -25.32
N VAL D 197 -4.91 10.71 -26.09
CA VAL D 197 -3.69 10.20 -26.68
CA VAL D 197 -3.69 10.17 -26.68
C VAL D 197 -3.82 10.29 -28.20
N LEU D 198 -2.72 10.60 -28.86
CA LEU D 198 -2.67 10.66 -30.31
C LEU D 198 -2.38 9.26 -30.85
N GLN D 199 -3.32 8.72 -31.61
CA GLN D 199 -3.17 7.38 -32.19
C GLN D 199 -2.27 7.45 -33.41
N SER D 200 -1.83 6.28 -33.87
CA SER D 200 -0.97 6.26 -35.05
C SER D 200 -1.65 6.84 -36.28
N SER D 201 -2.99 6.90 -36.28
CA SER D 201 -3.74 7.45 -37.39
C SER D 201 -3.72 8.97 -37.45
N GLY D 202 -3.16 9.65 -36.45
CA GLY D 202 -3.28 11.09 -36.37
C GLY D 202 -4.54 11.57 -35.71
N LEU D 203 -5.39 10.68 -35.21
CA LEU D 203 -6.63 11.04 -34.53
C LEU D 203 -6.49 10.77 -33.04
N TYR D 204 -7.18 11.57 -32.23
CA TYR D 204 -7.17 11.46 -30.78
C TYR D 204 -8.18 10.43 -30.30
N SER D 205 -7.94 9.91 -29.10
CA SER D 205 -8.85 9.00 -28.44
C SER D 205 -8.74 9.25 -26.95
N LEU D 206 -9.86 9.21 -26.25
CA LEU D 206 -9.85 9.35 -24.80
C LEU D 206 -10.95 8.50 -24.18
N SER D 207 -10.76 8.19 -22.91
CA SER D 207 -11.77 7.53 -22.10
C SER D 207 -12.13 8.38 -20.90
N SER D 208 -13.36 8.18 -20.42
CA SER D 208 -13.84 8.76 -19.18
C SER D 208 -14.50 7.65 -18.38
N VAL D 209 -14.16 7.54 -17.10
CA VAL D 209 -14.70 6.49 -16.24
C VAL D 209 -15.24 7.09 -14.95
N VAL D 210 -16.09 6.32 -14.30
CA VAL D 210 -16.68 6.69 -13.02
C VAL D 210 -16.94 5.42 -12.24
N THR D 211 -16.67 5.46 -10.95
CA THR D 211 -17.02 4.36 -10.07
C THR D 211 -18.32 4.71 -9.35
N VAL D 212 -19.20 3.73 -9.23
CA VAL D 212 -20.54 3.95 -8.68
C VAL D 212 -20.91 2.75 -7.85
N PRO D 213 -21.92 2.88 -6.98
CA PRO D 213 -22.40 1.73 -6.21
C PRO D 213 -22.93 0.65 -7.14
N SER D 214 -22.58 -0.60 -6.82
CA SER D 214 -23.08 -1.72 -7.61
C SER D 214 -24.55 -2.00 -7.33
N SER D 215 -25.04 -1.69 -6.12
CA SER D 215 -26.42 -1.99 -5.79
C SER D 215 -27.41 -1.17 -6.61
N SER D 216 -26.95 -0.06 -7.19
CA SER D 216 -27.79 0.85 -7.95
C SER D 216 -27.76 0.59 -9.44
N LEU D 217 -26.91 -0.32 -9.91
CA LEU D 217 -26.72 -0.48 -11.36
C LEU D 217 -28.01 -0.84 -12.08
N GLY D 218 -28.95 -1.47 -11.40
CA GLY D 218 -30.19 -1.87 -12.06
C GLY D 218 -31.24 -0.79 -12.15
N THR D 219 -31.04 0.32 -11.45
CA THR D 219 -32.07 1.35 -11.32
C THR D 219 -31.54 2.76 -11.58
N GLN D 220 -30.24 2.99 -11.45
CA GLN D 220 -29.64 4.28 -11.71
C GLN D 220 -29.02 4.26 -13.12
N THR D 221 -29.56 5.07 -14.01
CA THR D 221 -29.02 5.17 -15.36
C THR D 221 -27.77 6.03 -15.39
N TYR D 222 -26.92 5.77 -16.37
CA TYR D 222 -25.67 6.52 -16.51
C TYR D 222 -25.48 6.85 -17.97
N ILE D 223 -25.32 8.14 -18.26
CA ILE D 223 -25.21 8.66 -19.61
C ILE D 223 -23.98 9.54 -19.65
N CYS D 224 -23.09 9.30 -20.63
CA CYS D 224 -21.89 10.12 -20.84
C CYS D 224 -22.21 11.14 -21.94
N ASN D 225 -22.01 12.42 -21.70
CA ASN D 225 -22.31 13.50 -22.62
C ASN D 225 -21.00 13.99 -23.19
N VAL D 226 -20.86 13.88 -24.51
CA VAL D 226 -19.64 14.26 -25.20
C VAL D 226 -19.96 15.43 -26.12
N ASN D 227 -19.10 16.46 -26.08
CA ASN D 227 -19.22 17.59 -26.99
C ASN D 227 -17.88 17.81 -27.67
N HIS D 228 -17.87 17.77 -29.00
CA HIS D 228 -16.70 18.08 -29.82
C HIS D 228 -17.05 19.30 -30.66
N LYS D 229 -16.86 20.49 -30.09
CA LYS D 229 -17.22 21.72 -30.79
C LYS D 229 -16.60 21.85 -32.18
N PRO D 230 -15.35 21.48 -32.42
CA PRO D 230 -14.79 21.68 -33.78
C PRO D 230 -15.60 21.02 -34.88
N SER D 231 -16.28 19.91 -34.60
CA SER D 231 -17.07 19.21 -35.60
C SER D 231 -18.57 19.34 -35.36
N ASN D 232 -18.99 20.21 -34.44
CA ASN D 232 -20.40 20.39 -34.11
C ASN D 232 -21.06 19.05 -33.75
N THR D 233 -20.38 18.29 -32.91
CA THR D 233 -20.81 16.95 -32.52
C THR D 233 -21.17 16.96 -31.04
N LYS D 234 -22.41 16.61 -30.73
CA LYS D 234 -22.86 16.33 -29.38
C LYS D 234 -23.48 14.93 -29.35
N VAL D 235 -23.00 14.10 -28.44
CA VAL D 235 -23.45 12.72 -28.33
C VAL D 235 -23.70 12.42 -26.86
N ASP D 236 -24.88 11.84 -26.57
CA ASP D 236 -25.17 11.24 -25.28
C ASP D 236 -25.19 9.73 -25.45
N LYS D 237 -24.40 9.02 -24.66
CA LYS D 237 -24.29 7.56 -24.77
C LYS D 237 -24.71 6.93 -23.45
N LYS D 238 -25.75 6.13 -23.49
CA LYS D 238 -26.18 5.37 -22.32
C LYS D 238 -25.20 4.22 -22.07
N VAL D 239 -24.85 4.01 -20.81
CA VAL D 239 -23.90 2.97 -20.42
C VAL D 239 -24.63 2.05 -19.44
N GLU D 240 -24.91 0.84 -19.88
CA GLU D 240 -25.75 -0.07 -19.12
C GLU D 240 -25.05 -1.41 -18.95
N PRO D 241 -25.38 -2.16 -17.88
CA PRO D 241 -24.77 -3.48 -17.65
C PRO D 241 -25.17 -4.54 -18.69
#